data_3RAX
#
_entry.id   3RAX
#
_cell.length_a   52.880
_cell.length_b   61.645
_cell.length_c   92.684
_cell.angle_alpha   98.50
_cell.angle_beta   103.82
_cell.angle_gamma   93.29
#
_symmetry.space_group_name_H-M   'P 1'
#
loop_
_entity.id
_entity.type
_entity.pdbx_description
1 polymer 'DNA polymerase IV'
2 polymer "DNA (5'-D(*GP*TP*TP*GP*GP*AP*TP*GP*GP*TP*AP*GP*(2DT))-3')"
3 polymer "DNA (5'-D(*CP*CP*TP*AP*AP*CP*(MG1)P*CP*TP*AP*CP*CP*AP*TP*CP*CP*AP*AP*CP*C)-3')"
4 non-polymer "2'-DEOXYGUANOSINE-5'-TRIPHOSPHATE"
5 non-polymer 'CALCIUM ION'
6 water water
#
loop_
_entity_poly.entity_id
_entity_poly.type
_entity_poly.pdbx_seq_one_letter_code
_entity_poly.pdbx_strand_id
1 'polypeptide(L)'
;GIVLFVDFDYFYAQVEEVLNPSLKGKPVVVCVFSGRFEDSGAVATANYEARKFGVKAGIPIVEAKKILPNAVYLPMRKEV
YQQVSSRIMNLLREYSEKIEIASIDEAYLDISDKVRDYREAYNLGLEIKNKILEKEKITVTVGISKNKVFAKIAADMAKP
NGIKVIDDEEVKRLIRELDIADVPGIGNITAEKLKKLGINKLVDTLSIEFDKLKGMIGEAKAKYLISLARDEYNEPIRTR
VRKSIGRIVTMKRNSRNLEEIKPYLFRAIEESYYKLDKRIPKAIHVVAVTEDLDIVSRGRTFPHGISKETAYSESVKLLQ
KILEEDERKIRRIGVRFSKFI
;
A,B
2 'polydeoxyribonucleotide' (DG)(DT)(DT)(DG)(DG)(DA)(DT)(DG)(DG)(DT)(DA)(DG)(2DT) D,H
3 'polydeoxyribonucleotide'
;(DC)(DC)(DT)(DA)(DA)(DC)(MG1)(DC)(DT)(DA)(DC)(DC)(DA)(DT)(DC)(DC)(DA)(DA)(DC)
(DC)
;
E,J
#
loop_
_chem_comp.id
_chem_comp.type
_chem_comp.name
_chem_comp.formula
2DT DNA linking 3'-DEOXYTHYMIDINE-5'-MONOPHOSPHATE 'C10 H15 N2 O7 P'
CA non-polymer 'CALCIUM ION' 'Ca 2'
DA DNA linking 2'-DEOXYADENOSINE-5'-MONOPHOSPHATE 'C10 H14 N5 O6 P'
DC DNA linking 2'-DEOXYCYTIDINE-5'-MONOPHOSPHATE 'C9 H14 N3 O7 P'
DG DNA linking 2'-DEOXYGUANOSINE-5'-MONOPHOSPHATE 'C10 H14 N5 O7 P'
DGT non-polymer 2'-DEOXYGUANOSINE-5'-TRIPHOSPHATE 'C10 H16 N5 O13 P3'
DT DNA linking THYMIDINE-5'-MONOPHOSPHATE 'C10 H15 N2 O8 P'
MG1 DNA linking '2'-DEOXY-1-METHYLGUANOSINE 5'-(DIHYDROGEN PHOSPHATE)' 'C11 H16 N5 O7 P'
#
# COMPACT_ATOMS: atom_id res chain seq x y z
N GLY A 1 -24.51 15.66 4.50
CA GLY A 1 -23.39 15.36 5.45
C GLY A 1 -22.74 14.00 5.19
N ILE A 2 -21.42 14.00 4.98
CA ILE A 2 -20.67 12.76 4.73
C ILE A 2 -19.47 12.69 5.66
N VAL A 3 -19.42 11.63 6.47
CA VAL A 3 -18.35 11.42 7.45
C VAL A 3 -17.57 10.16 7.08
N LEU A 4 -16.24 10.28 7.09
CA LEU A 4 -15.32 9.17 6.82
C LEU A 4 -14.52 8.92 8.09
N PHE A 5 -14.59 7.69 8.59
CA PHE A 5 -13.90 7.29 9.80
C PHE A 5 -12.82 6.28 9.42
N VAL A 6 -11.64 6.48 9.98
CA VAL A 6 -10.49 5.61 9.71
C VAL A 6 -9.99 5.05 11.03
N ASP A 7 -9.79 3.73 11.06
CA ASP A 7 -9.20 3.07 12.23
C ASP A 7 -8.07 2.17 11.76
N PHE A 8 -6.91 2.27 12.37
CA PHE A 8 -5.73 1.55 11.87
C PHE A 8 -5.80 0.10 12.32
N ASP A 9 -5.41 -0.84 11.46
CA ASP A 9 -5.57 -2.26 11.79
C ASP A 9 -4.50 -2.74 12.79
N TYR A 10 -4.93 -3.50 13.80
CA TYR A 10 -4.07 -4.09 14.85
C TYR A 10 -2.85 -3.24 15.16
N PHE A 11 -3.10 -1.98 15.53
CA PHE A 11 -2.13 -0.92 15.27
C PHE A 11 -0.69 -1.11 15.79
N TYR A 12 -0.51 -1.22 17.10
CA TYR A 12 0.84 -1.40 17.68
C TYR A 12 1.57 -2.59 17.09
N ALA A 13 0.89 -3.73 17.00
CA ALA A 13 1.50 -4.92 16.41
C ALA A 13 1.84 -4.70 14.93
N GLN A 14 0.98 -3.98 14.21
CA GLN A 14 1.27 -3.71 12.81
C GLN A 14 2.52 -2.84 12.61
N VAL A 15 2.66 -1.80 13.43
CA VAL A 15 3.87 -0.98 13.44
C VAL A 15 5.12 -1.85 13.66
N GLU A 16 5.06 -2.77 14.63
CA GLU A 16 6.21 -3.63 14.88
C GLU A 16 6.54 -4.52 13.67
N GLU A 17 5.52 -4.96 12.94
CA GLU A 17 5.74 -5.71 11.69
C GLU A 17 6.36 -4.85 10.58
N VAL A 18 5.96 -3.58 10.51
CA VAL A 18 6.62 -2.66 9.57
C VAL A 18 8.11 -2.50 9.91
N LEU A 19 8.39 -2.32 11.19
CA LEU A 19 9.76 -2.16 11.68
C LEU A 19 10.59 -3.45 11.55
N ASN A 20 9.92 -4.60 11.60
CA ASN A 20 10.56 -5.90 11.41
C ASN A 20 9.70 -6.83 10.55
N PRO A 21 9.83 -6.71 9.22
CA PRO A 21 8.91 -7.45 8.34
C PRO A 21 9.02 -8.98 8.40
N SER A 22 10.11 -9.51 8.97
CA SER A 22 10.20 -10.96 9.24
C SER A 22 9.11 -11.47 10.21
N LEU A 23 8.49 -10.55 10.95
CA LEU A 23 7.38 -10.89 11.87
C LEU A 23 6.05 -11.11 11.17
N LYS A 24 5.87 -10.49 10.00
CA LYS A 24 4.59 -10.54 9.29
C LYS A 24 4.19 -11.97 8.95
N GLY A 25 2.93 -12.30 9.20
CA GLY A 25 2.40 -13.62 8.87
C GLY A 25 2.44 -14.63 10.00
N LYS A 26 3.04 -14.26 11.13
CA LYS A 26 2.99 -15.11 12.33
C LYS A 26 2.64 -14.27 13.57
N PRO A 27 2.22 -14.94 14.67
CA PRO A 27 1.73 -14.23 15.85
C PRO A 27 2.72 -13.23 16.46
N VAL A 28 2.22 -12.02 16.69
CA VAL A 28 2.97 -10.96 17.34
C VAL A 28 2.09 -10.41 18.46
N VAL A 29 2.64 -10.32 19.67
CA VAL A 29 1.90 -9.84 20.83
C VAL A 29 2.68 -8.68 21.46
N VAL A 30 2.02 -7.52 21.60
CA VAL A 30 2.65 -6.33 22.16
C VAL A 30 2.18 -6.22 23.60
N CYS A 31 3.14 -6.09 24.53
CA CYS A 31 2.88 -6.32 25.95
C CYS A 31 3.27 -5.14 26.82
N VAL A 32 2.50 -4.95 27.87
CA VAL A 32 2.75 -3.96 28.90
C VAL A 32 3.23 -4.73 30.13
N PHE A 33 4.54 -4.89 30.26
CA PHE A 33 5.18 -5.56 31.40
C PHE A 33 5.17 -4.66 32.63
N SER A 34 4.57 -5.13 33.72
CA SER A 34 4.37 -4.30 34.91
C SER A 34 5.52 -4.35 35.92
N GLY A 35 6.43 -5.29 35.78
CA GLY A 35 7.61 -5.39 36.64
C GLY A 35 7.46 -6.13 37.96
N ARG A 36 6.24 -6.57 38.29
CA ARG A 36 5.98 -7.19 39.61
C ARG A 36 6.58 -8.59 39.75
N PHE A 37 6.53 -9.35 38.67
CA PHE A 37 7.26 -10.58 38.55
C PHE A 37 7.48 -10.83 37.07
N GLU A 38 8.21 -11.89 36.72
CA GLU A 38 8.50 -12.16 35.33
C GLU A 38 7.19 -12.41 34.55
N ASP A 39 6.97 -11.59 33.54
CA ASP A 39 5.78 -11.68 32.69
C ASP A 39 4.50 -11.18 33.36
N SER A 40 4.63 -10.44 34.47
CA SER A 40 3.47 -9.75 35.01
C SER A 40 3.08 -8.65 34.02
N GLY A 41 1.79 -8.41 33.87
CA GLY A 41 1.31 -7.36 32.99
C GLY A 41 0.22 -7.79 32.07
N ALA A 42 -0.06 -6.97 31.07
CA ALA A 42 -1.19 -7.21 30.18
C ALA A 42 -0.80 -7.01 28.72
N VAL A 43 -1.56 -7.63 27.84
CA VAL A 43 -1.38 -7.48 26.40
C VAL A 43 -2.00 -6.16 25.97
N ALA A 44 -1.25 -5.35 25.24
CA ALA A 44 -1.79 -4.09 24.71
C ALA A 44 -2.59 -4.37 23.43
N THR A 45 -2.04 -5.22 22.56
CA THR A 45 -2.76 -5.74 21.39
C THR A 45 -1.95 -6.89 20.79
N ALA A 46 -2.59 -7.68 19.93
CA ALA A 46 -1.88 -8.71 19.17
C ALA A 46 -2.35 -8.68 17.73
N ASN A 47 -1.56 -9.23 16.82
CA ASN A 47 -2.02 -9.28 15.43
C ASN A 47 -3.11 -10.34 15.25
N TYR A 48 -3.70 -10.40 14.08
CA TYR A 48 -4.84 -11.28 13.88
C TYR A 48 -4.42 -12.75 13.98
N GLU A 49 -3.18 -13.06 13.66
CA GLU A 49 -2.69 -14.44 13.74
C GLU A 49 -2.74 -14.94 15.19
N ALA A 50 -2.37 -14.06 16.12
CA ALA A 50 -2.41 -14.35 17.55
C ALA A 50 -3.86 -14.38 18.07
N ARG A 51 -4.71 -13.51 17.53
CA ARG A 51 -6.11 -13.45 17.95
C ARG A 51 -6.90 -14.73 17.65
N LYS A 52 -6.46 -15.47 16.63
CA LYS A 52 -7.08 -16.75 16.29
C LYS A 52 -7.10 -17.68 17.50
N PHE A 53 -6.05 -17.57 18.33
CA PHE A 53 -5.86 -18.44 19.49
C PHE A 53 -6.28 -17.80 20.82
N GLY A 54 -7.00 -16.69 20.75
CA GLY A 54 -7.51 -16.01 21.94
C GLY A 54 -6.61 -14.95 22.55
N VAL A 55 -5.47 -14.67 21.93
CA VAL A 55 -4.55 -13.68 22.48
C VAL A 55 -4.89 -12.32 21.93
N LYS A 56 -5.27 -11.41 22.83
CA LYS A 56 -5.79 -10.10 22.45
C LYS A 56 -5.64 -9.09 23.57
N ALA A 57 -5.93 -7.82 23.26
CA ALA A 57 -5.81 -6.72 24.23
C ALA A 57 -6.51 -7.05 25.52
N GLY A 58 -5.85 -6.78 26.63
CA GLY A 58 -6.46 -6.90 27.96
C GLY A 58 -6.19 -8.19 28.70
N ILE A 59 -5.74 -9.24 28.03
CA ILE A 59 -5.45 -10.50 28.74
C ILE A 59 -4.05 -10.46 29.40
N PRO A 60 -3.90 -11.17 30.54
CA PRO A 60 -2.58 -11.28 31.16
C PRO A 60 -1.52 -11.88 30.23
N ILE A 61 -0.32 -11.35 30.29
CA ILE A 61 0.82 -11.86 29.51
C ILE A 61 1.08 -13.33 29.81
N VAL A 62 1.02 -13.72 31.09
CA VAL A 62 1.20 -15.12 31.46
C VAL A 62 0.16 -16.03 30.77
N GLU A 63 -1.08 -15.57 30.66
CA GLU A 63 -2.13 -16.34 29.98
C GLU A 63 -1.84 -16.47 28.47
N ALA A 64 -1.47 -15.36 27.84
CA ALA A 64 -1.04 -15.39 26.44
C ALA A 64 0.08 -16.42 26.20
N LYS A 65 1.11 -16.38 27.06
CA LYS A 65 2.24 -17.30 26.93
C LYS A 65 1.87 -18.77 27.20
N LYS A 66 0.85 -19.02 28.02
CA LYS A 66 0.29 -20.38 28.18
C LYS A 66 -0.28 -20.90 26.85
N ILE A 67 -1.02 -20.03 26.15
CA ILE A 67 -1.66 -20.39 24.88
C ILE A 67 -0.64 -20.44 23.73
N LEU A 68 0.11 -19.35 23.57
CA LEU A 68 1.06 -19.21 22.48
C LEU A 68 2.47 -19.01 23.00
N PRO A 69 3.09 -20.08 23.52
CA PRO A 69 4.42 -19.91 24.04
C PRO A 69 5.45 -19.46 23.00
N ASN A 70 5.19 -19.77 21.72
CA ASN A 70 6.17 -19.51 20.66
C ASN A 70 5.87 -18.26 19.83
N ALA A 71 4.90 -17.46 20.25
CA ALA A 71 4.62 -16.18 19.59
C ALA A 71 5.77 -15.22 19.85
N VAL A 72 5.84 -14.15 19.07
CA VAL A 72 6.81 -13.10 19.32
C VAL A 72 6.19 -12.12 20.31
N TYR A 73 6.83 -11.97 21.47
CA TYR A 73 6.38 -11.04 22.49
C TYR A 73 7.27 -9.82 22.48
N LEU A 74 6.65 -8.66 22.32
CA LEU A 74 7.40 -7.39 22.29
C LEU A 74 6.86 -6.42 23.30
N PRO A 75 7.75 -5.60 23.88
CA PRO A 75 7.33 -4.60 24.83
C PRO A 75 6.71 -3.43 24.10
N MET A 76 5.65 -2.87 24.67
CA MET A 76 4.98 -1.70 24.11
C MET A 76 5.95 -0.52 24.05
N ARG A 77 6.15 0.00 22.85
CA ARG A 77 6.96 1.19 22.60
C ARG A 77 6.07 2.34 22.14
N LYS A 78 5.27 2.87 23.07
CA LYS A 78 4.18 3.77 22.69
C LYS A 78 4.65 5.03 21.95
N GLU A 79 5.85 5.53 22.29
CA GLU A 79 6.42 6.73 21.64
C GLU A 79 6.65 6.49 20.15
N VAL A 80 7.10 5.30 19.79
CA VAL A 80 7.26 4.92 18.39
C VAL A 80 5.90 4.86 17.67
N TYR A 81 4.91 4.22 18.29
CA TYR A 81 3.59 4.13 17.65
C TYR A 81 2.96 5.51 17.53
N GLN A 82 3.22 6.37 18.52
CA GLN A 82 2.74 7.74 18.45
C GLN A 82 3.37 8.52 17.28
N GLN A 83 4.66 8.30 17.01
CA GLN A 83 5.33 8.92 15.85
C GLN A 83 4.62 8.55 14.54
N VAL A 84 4.38 7.25 14.35
CA VAL A 84 3.63 6.76 13.20
C VAL A 84 2.23 7.36 13.13
N SER A 85 1.49 7.31 14.24
CA SER A 85 0.14 7.89 14.29
C SER A 85 0.13 9.35 13.86
N SER A 86 1.04 10.14 14.44
CA SER A 86 1.05 11.58 14.11
C SER A 86 1.30 11.80 12.62
N ARG A 87 2.19 11.02 12.01
CA ARG A 87 2.41 11.14 10.56
C ARG A 87 1.14 10.80 9.77
N ILE A 88 0.43 9.76 10.18
CA ILE A 88 -0.79 9.36 9.47
C ILE A 88 -1.89 10.40 9.63
N MET A 89 -2.08 10.93 10.85
CA MET A 89 -3.05 12.01 11.05
C MET A 89 -2.75 13.23 10.17
N ASN A 90 -1.48 13.54 9.98
CA ASN A 90 -1.09 14.63 9.06
C ASN A 90 -1.45 14.32 7.61
N LEU A 91 -1.24 13.07 7.20
CA LEU A 91 -1.67 12.62 5.88
C LEU A 91 -3.18 12.80 5.72
N LEU A 92 -3.95 12.41 6.74
CA LEU A 92 -5.41 12.56 6.70
C LEU A 92 -5.87 14.03 6.60
N ARG A 93 -5.16 14.93 7.28
CA ARG A 93 -5.47 16.37 7.22
C ARG A 93 -5.34 16.96 5.82
N GLU A 94 -4.52 16.34 4.98
CA GLU A 94 -4.45 16.72 3.56
C GLU A 94 -5.73 16.38 2.79
N TYR A 95 -6.51 15.41 3.26
CA TYR A 95 -7.78 15.09 2.62
C TYR A 95 -8.94 15.90 3.18
N SER A 96 -8.90 16.20 4.47
CA SER A 96 -9.81 17.19 5.06
C SER A 96 -9.23 17.77 6.33
N GLU A 97 -9.30 19.08 6.43
CA GLU A 97 -8.89 19.81 7.63
C GLU A 97 -9.92 19.66 8.75
N LYS A 98 -11.15 19.28 8.41
CA LYS A 98 -12.17 19.03 9.44
C LYS A 98 -12.00 17.60 9.96
N ILE A 99 -11.12 17.47 10.94
CA ILE A 99 -10.70 16.16 11.43
C ILE A 99 -10.85 16.12 12.95
N GLU A 100 -11.40 15.02 13.45
CA GLU A 100 -11.57 14.78 14.87
C GLU A 100 -10.75 13.54 15.24
N ILE A 101 -9.59 13.75 15.85
CA ILE A 101 -8.76 12.61 16.23
C ILE A 101 -9.29 12.02 17.53
N ALA A 102 -9.74 10.78 17.49
CA ALA A 102 -10.48 10.20 18.61
C ALA A 102 -9.65 9.28 19.49
N SER A 103 -8.51 8.83 18.98
CA SER A 103 -7.62 7.96 19.74
C SER A 103 -6.27 7.94 19.03
N ILE A 104 -5.32 7.16 19.55
CA ILE A 104 -4.02 7.02 18.91
C ILE A 104 -4.11 6.40 17.51
N ASP A 105 -5.22 5.75 17.19
CA ASP A 105 -5.31 5.07 15.90
C ASP A 105 -6.58 5.30 15.10
N GLU A 106 -7.33 6.37 15.41
CA GLU A 106 -8.58 6.61 14.67
C GLU A 106 -8.96 8.06 14.61
N ALA A 107 -9.65 8.42 13.52
CA ALA A 107 -10.10 9.78 13.32
C ALA A 107 -11.32 9.81 12.42
N TYR A 108 -12.14 10.84 12.62
CA TYR A 108 -13.27 11.15 11.76
C TYR A 108 -12.93 12.37 10.92
N LEU A 109 -13.24 12.28 9.64
CA LEU A 109 -13.09 13.38 8.71
C LEU A 109 -14.48 13.80 8.22
N ASP A 110 -14.77 15.10 8.25
CA ASP A 110 -15.96 15.59 7.59
C ASP A 110 -15.53 15.89 6.15
N ILE A 111 -16.00 15.06 5.22
CA ILE A 111 -15.61 15.21 3.82
C ILE A 111 -16.75 15.78 2.97
N SER A 112 -17.77 16.34 3.61
CA SER A 112 -18.95 16.91 2.93
C SER A 112 -18.60 17.90 1.82
N ASP A 113 -17.57 18.70 2.06
CA ASP A 113 -17.13 19.73 1.13
C ASP A 113 -16.05 19.22 0.16
N LYS A 114 -15.62 17.98 0.33
CA LYS A 114 -14.59 17.37 -0.50
C LYS A 114 -15.15 16.39 -1.54
N VAL A 115 -16.28 15.77 -1.24
CA VAL A 115 -16.94 14.85 -2.16
C VAL A 115 -18.43 15.16 -2.17
N ARG A 116 -19.11 14.75 -3.25
CA ARG A 116 -20.52 15.11 -3.44
C ARG A 116 -21.50 13.97 -3.15
N ASP A 117 -21.05 12.72 -3.21
CA ASP A 117 -21.91 11.58 -2.88
C ASP A 117 -21.07 10.42 -2.35
N TYR A 118 -21.73 9.31 -2.06
CA TYR A 118 -21.07 8.14 -1.48
C TYR A 118 -20.17 7.40 -2.48
N ARG A 119 -20.50 7.44 -3.77
CA ARG A 119 -19.58 6.91 -4.78
C ARG A 119 -18.24 7.64 -4.71
N GLU A 120 -18.26 8.98 -4.70
CA GLU A 120 -17.01 9.73 -4.58
C GLU A 120 -16.31 9.49 -3.25
N ALA A 121 -17.10 9.38 -2.17
CA ALA A 121 -16.55 9.09 -0.82
C ALA A 121 -15.82 7.75 -0.78
N TYR A 122 -16.42 6.74 -1.41
CA TYR A 122 -15.79 5.43 -1.45
C TYR A 122 -14.44 5.48 -2.16
N ASN A 123 -14.40 6.16 -3.31
CA ASN A 123 -13.15 6.33 -4.04
C ASN A 123 -12.11 7.13 -3.23
N LEU A 124 -12.55 8.16 -2.51
CA LEU A 124 -11.62 8.89 -1.60
C LEU A 124 -11.08 7.97 -0.50
N GLY A 125 -11.96 7.14 0.06
CA GLY A 125 -11.54 6.12 1.04
C GLY A 125 -10.44 5.21 0.53
N LEU A 126 -10.60 4.72 -0.70
CA LEU A 126 -9.56 3.92 -1.34
C LEU A 126 -8.26 4.71 -1.57
N GLU A 127 -8.37 5.97 -1.99
CA GLU A 127 -7.17 6.82 -2.12
C GLU A 127 -6.45 7.00 -0.79
N ILE A 128 -7.23 7.20 0.28
CA ILE A 128 -6.66 7.32 1.63
C ILE A 128 -5.95 6.04 2.06
N LYS A 129 -6.62 4.90 1.86
CA LYS A 129 -6.02 3.62 2.17
C LYS A 129 -4.72 3.44 1.36
N ASN A 130 -4.73 3.80 0.07
CA ASN A 130 -3.51 3.66 -0.75
C ASN A 130 -2.37 4.60 -0.32
N LYS A 131 -2.72 5.84 0.03
CA LYS A 131 -1.74 6.82 0.52
C LYS A 131 -1.03 6.33 1.79
N ILE A 132 -1.80 5.81 2.74
CA ILE A 132 -1.26 5.36 4.03
C ILE A 132 -0.39 4.11 3.82
N LEU A 133 -0.81 3.23 2.91
CA LEU A 133 0.03 2.09 2.51
C LEU A 133 1.37 2.54 1.91
N GLU A 134 1.32 3.46 0.96
CA GLU A 134 2.55 4.00 0.32
C GLU A 134 3.50 4.65 1.31
N LYS A 135 2.94 5.50 2.16
CA LYS A 135 3.73 6.35 3.04
C LYS A 135 4.21 5.59 4.28
N GLU A 136 3.34 4.76 4.85
CA GLU A 136 3.62 4.13 6.15
C GLU A 136 3.54 2.59 6.18
N LYS A 137 3.10 1.98 5.08
CA LYS A 137 2.92 0.52 5.00
C LYS A 137 1.93 -0.02 6.02
N ILE A 138 0.97 0.83 6.42
CA ILE A 138 -0.07 0.48 7.39
C ILE A 138 -1.42 0.33 6.68
N THR A 139 -2.04 -0.83 6.87
CA THR A 139 -3.40 -1.12 6.44
C THR A 139 -4.36 -0.55 7.48
N VAL A 140 -5.46 0.01 6.98
CA VAL A 140 -6.49 0.62 7.83
C VAL A 140 -7.87 0.18 7.36
N THR A 141 -8.87 0.44 8.18
CA THR A 141 -10.26 0.22 7.83
C THR A 141 -10.98 1.56 7.80
N VAL A 142 -11.78 1.74 6.76
CA VAL A 142 -12.54 2.96 6.52
C VAL A 142 -14.04 2.65 6.58
N GLY A 143 -14.74 3.48 7.33
CA GLY A 143 -16.19 3.47 7.40
C GLY A 143 -16.72 4.82 6.97
N ILE A 144 -17.77 4.80 6.15
CA ILE A 144 -18.35 6.01 5.58
C ILE A 144 -19.85 6.02 5.77
N SER A 145 -20.37 7.09 6.36
CA SER A 145 -21.82 7.25 6.48
C SER A 145 -22.22 8.71 6.68
N LYS A 146 -23.45 8.92 7.15
CA LYS A 146 -24.01 10.28 7.26
C LYS A 146 -23.65 10.97 8.57
N ASN A 147 -23.17 10.20 9.53
CA ASN A 147 -22.75 10.75 10.82
C ASN A 147 -21.68 9.89 11.44
N LYS A 148 -21.12 10.35 12.56
CA LYS A 148 -20.00 9.68 13.23
C LYS A 148 -20.31 8.27 13.69
N VAL A 149 -21.50 8.09 14.25
CA VAL A 149 -21.89 6.81 14.81
C VAL A 149 -21.97 5.75 13.74
N PHE A 150 -22.65 6.04 12.63
CA PHE A 150 -22.75 5.05 11.57
C PHE A 150 -21.48 4.85 10.75
N ALA A 151 -20.63 5.87 10.67
CA ALA A 151 -19.30 5.67 10.07
C ALA A 151 -18.46 4.72 10.92
N LYS A 152 -18.56 4.83 12.24
CA LYS A 152 -17.89 3.90 13.16
C LYS A 152 -18.43 2.49 13.03
N ILE A 153 -19.76 2.35 12.98
CA ILE A 153 -20.39 1.05 12.79
C ILE A 153 -19.94 0.41 11.48
N ALA A 154 -19.86 1.22 10.42
CA ALA A 154 -19.38 0.76 9.11
C ALA A 154 -17.96 0.18 9.17
N ALA A 155 -17.05 0.89 9.81
CA ALA A 155 -15.69 0.41 10.00
C ALA A 155 -15.68 -0.89 10.84
N ASP A 156 -16.43 -0.91 11.94
CA ASP A 156 -16.53 -2.11 12.77
C ASP A 156 -16.97 -3.33 11.98
N MET A 157 -17.94 -3.14 11.10
CA MET A 157 -18.41 -4.19 10.18
C MET A 157 -17.37 -4.67 9.16
N ALA A 158 -16.48 -3.76 8.73
CA ALA A 158 -15.58 -4.01 7.61
C ALA A 158 -14.16 -4.46 8.00
N LYS A 159 -13.80 -4.39 9.29
CA LYS A 159 -12.40 -4.63 9.66
C LYS A 159 -12.07 -6.13 9.69
N PRO A 160 -10.79 -6.50 9.43
CA PRO A 160 -9.69 -5.62 9.07
C PRO A 160 -9.55 -5.37 7.56
N ASN A 161 -8.71 -4.39 7.23
CA ASN A 161 -8.43 -3.98 5.87
C ASN A 161 -9.70 -3.81 5.04
N GLY A 162 -10.63 -3.03 5.57
CA GLY A 162 -11.92 -2.91 4.96
C GLY A 162 -12.23 -1.51 4.53
N ILE A 163 -13.32 -1.39 3.77
CA ILE A 163 -13.90 -0.10 3.47
C ILE A 163 -15.37 -0.37 3.24
N LYS A 164 -16.23 0.43 3.87
CA LYS A 164 -17.67 0.19 3.83
C LYS A 164 -18.43 1.51 3.93
N VAL A 165 -19.42 1.67 3.05
CA VAL A 165 -20.36 2.78 3.08
C VAL A 165 -21.71 2.27 3.65
N ILE A 166 -22.26 3.00 4.60
CA ILE A 166 -23.62 2.76 5.08
C ILE A 166 -24.48 3.91 4.59
N ASP A 167 -25.19 3.67 3.48
CA ASP A 167 -25.99 4.72 2.86
C ASP A 167 -27.31 4.91 3.59
N ASP A 168 -28.13 5.87 3.14
CA ASP A 168 -29.32 6.28 3.89
C ASP A 168 -30.31 5.12 4.07
N GLU A 169 -30.50 4.33 3.03
CA GLU A 169 -31.38 3.17 3.11
C GLU A 169 -30.85 2.13 4.10
N GLU A 170 -29.54 1.92 4.11
CA GLU A 170 -28.96 0.99 5.09
C GLU A 170 -29.03 1.54 6.51
N VAL A 171 -28.91 2.85 6.69
CA VAL A 171 -29.09 3.43 8.02
C VAL A 171 -30.48 3.08 8.57
N LYS A 172 -31.52 3.25 7.75
CA LYS A 172 -32.88 2.94 8.18
C LYS A 172 -33.06 1.44 8.44
N ARG A 173 -32.44 0.59 7.61
CA ARG A 173 -32.45 -0.85 7.86
C ARG A 173 -31.80 -1.20 9.20
N LEU A 174 -30.66 -0.57 9.49
CA LEU A 174 -29.91 -0.88 10.69
C LEU A 174 -30.66 -0.41 11.95
N ILE A 175 -31.37 0.72 11.84
CA ILE A 175 -32.23 1.18 12.94
C ILE A 175 -33.26 0.11 13.32
N ARG A 176 -33.79 -0.61 12.33
CA ARG A 176 -34.70 -1.73 12.58
C ARG A 176 -34.00 -3.03 13.02
N GLU A 177 -32.82 -3.31 12.45
CA GLU A 177 -32.24 -4.67 12.48
C GLU A 177 -30.97 -4.85 13.30
N LEU A 178 -30.22 -3.78 13.54
CA LEU A 178 -28.96 -3.90 14.28
C LEU A 178 -29.20 -4.15 15.76
N ASP A 179 -28.54 -5.17 16.30
CA ASP A 179 -28.54 -5.42 17.74
C ASP A 179 -28.09 -4.16 18.46
N ILE A 180 -28.95 -3.62 19.33
CA ILE A 180 -28.67 -2.33 19.96
C ILE A 180 -27.36 -2.38 20.79
N ALA A 181 -26.96 -3.58 21.21
CA ALA A 181 -25.67 -3.79 21.86
C ALA A 181 -24.49 -3.40 20.97
N ASP A 182 -24.66 -3.46 19.66
CA ASP A 182 -23.57 -3.11 18.74
C ASP A 182 -23.50 -1.61 18.41
N VAL A 183 -24.37 -0.81 19.03
CA VAL A 183 -24.28 0.65 18.90
C VAL A 183 -23.16 1.20 19.79
N PRO A 184 -22.26 2.03 19.23
CA PRO A 184 -21.22 2.68 20.02
C PRO A 184 -21.77 3.36 21.28
N GLY A 185 -21.13 3.09 22.42
CA GLY A 185 -21.54 3.66 23.69
C GLY A 185 -22.47 2.78 24.51
N ILE A 186 -22.90 1.66 23.94
CA ILE A 186 -23.72 0.68 24.64
C ILE A 186 -22.86 -0.53 25.00
N GLY A 187 -22.37 -0.56 26.23
CA GLY A 187 -21.55 -1.67 26.71
C GLY A 187 -22.43 -2.74 27.32
N ASN A 188 -21.82 -3.61 28.13
CA ASN A 188 -22.54 -4.73 28.71
C ASN A 188 -23.61 -4.30 29.73
N ILE A 189 -23.30 -3.29 30.54
CA ILE A 189 -24.23 -2.85 31.59
C ILE A 189 -25.49 -2.22 30.99
N THR A 190 -25.33 -1.31 30.03
CA THR A 190 -26.49 -0.69 29.38
C THR A 190 -27.25 -1.71 28.53
N ALA A 191 -26.52 -2.58 27.83
CA ALA A 191 -27.15 -3.60 26.98
C ALA A 191 -28.08 -4.51 27.78
N GLU A 192 -27.69 -4.87 28.99
CA GLU A 192 -28.54 -5.73 29.84
C GLU A 192 -29.77 -4.99 30.33
N LYS A 193 -29.61 -3.72 30.71
CA LYS A 193 -30.74 -2.90 31.15
C LYS A 193 -31.75 -2.66 30.03
N LEU A 194 -31.25 -2.42 28.81
CA LEU A 194 -32.12 -2.30 27.65
C LEU A 194 -32.88 -3.61 27.41
N LYS A 195 -32.17 -4.72 27.49
CA LYS A 195 -32.77 -6.05 27.32
C LYS A 195 -33.95 -6.28 28.27
N LYS A 196 -33.77 -6.00 29.56
CA LYS A 196 -34.86 -6.11 30.54
C LYS A 196 -36.07 -5.31 30.08
N LEU A 197 -35.82 -4.13 29.54
CA LEU A 197 -36.92 -3.25 29.07
C LEU A 197 -37.54 -3.73 27.76
N GLY A 198 -37.00 -4.78 27.15
CA GLY A 198 -37.50 -5.27 25.86
C GLY A 198 -37.01 -4.44 24.68
N ILE A 199 -35.96 -3.65 24.89
CA ILE A 199 -35.35 -2.86 23.82
C ILE A 199 -34.16 -3.63 23.26
N ASN A 200 -34.36 -4.21 22.08
CA ASN A 200 -33.35 -5.02 21.39
C ASN A 200 -32.76 -4.33 20.17
N LYS A 201 -33.49 -3.33 19.65
CA LYS A 201 -33.12 -2.62 18.44
C LYS A 201 -33.35 -1.13 18.68
N LEU A 202 -32.68 -0.28 17.91
CA LEU A 202 -32.86 1.18 18.02
C LEU A 202 -34.32 1.59 17.87
N VAL A 203 -35.01 1.00 16.90
CA VAL A 203 -36.41 1.33 16.61
C VAL A 203 -37.30 1.14 17.84
N ASP A 204 -36.93 0.21 18.72
CA ASP A 204 -37.70 -0.08 19.94
C ASP A 204 -37.72 1.07 20.93
N THR A 205 -36.74 1.97 20.87
CA THR A 205 -36.74 3.14 21.75
C THR A 205 -37.87 4.12 21.40
N LEU A 206 -38.45 3.99 20.21
CA LEU A 206 -39.54 4.87 19.81
C LEU A 206 -40.91 4.47 20.38
N SER A 207 -41.02 3.26 20.94
CA SER A 207 -42.29 2.78 21.47
C SER A 207 -42.22 2.50 22.97
N ILE A 208 -41.21 3.02 23.66
CA ILE A 208 -41.16 2.97 25.12
C ILE A 208 -41.35 4.38 25.62
N GLU A 209 -41.93 4.53 26.81
CA GLU A 209 -42.09 5.87 27.39
C GLU A 209 -40.73 6.40 27.77
N PHE A 210 -40.43 7.61 27.32
CA PHE A 210 -39.12 8.22 27.53
C PHE A 210 -38.71 8.20 29.00
N ASP A 211 -39.67 8.47 29.89
CA ASP A 211 -39.43 8.49 31.33
C ASP A 211 -38.95 7.14 31.88
N LYS A 212 -39.49 6.05 31.34
CA LYS A 212 -39.06 4.71 31.70
C LYS A 212 -37.63 4.46 31.20
N LEU A 213 -37.37 4.83 29.96
CA LEU A 213 -36.04 4.68 29.35
C LEU A 213 -35.01 5.51 30.15
N LYS A 214 -35.29 6.79 30.29
CA LYS A 214 -34.49 7.73 31.07
C LYS A 214 -34.20 7.19 32.47
N GLY A 215 -35.23 6.71 33.16
CA GLY A 215 -35.10 6.17 34.51
C GLY A 215 -34.14 4.99 34.64
N MET A 216 -34.06 4.16 33.60
CA MET A 216 -33.23 2.98 33.61
C MET A 216 -31.79 3.26 33.18
N ILE A 217 -31.61 3.93 32.04
CA ILE A 217 -30.27 4.12 31.47
C ILE A 217 -29.73 5.55 31.59
N GLY A 218 -30.52 6.46 32.13
CA GLY A 218 -30.11 7.86 32.29
C GLY A 218 -30.53 8.75 31.13
N GLU A 219 -30.59 10.06 31.39
CA GLU A 219 -31.07 11.04 30.42
C GLU A 219 -30.22 11.11 29.15
N ALA A 220 -28.91 11.24 29.32
CA ALA A 220 -27.99 11.40 28.20
C ALA A 220 -28.03 10.21 27.23
N LYS A 221 -27.98 8.99 27.77
CA LYS A 221 -27.99 7.78 26.93
C LYS A 221 -29.33 7.62 26.22
N ALA A 222 -30.39 7.98 26.92
CA ALA A 222 -31.75 7.88 26.38
C ALA A 222 -31.91 8.82 25.18
N LYS A 223 -31.51 10.08 25.36
CA LYS A 223 -31.56 11.07 24.29
C LYS A 223 -30.69 10.65 23.10
N TYR A 224 -29.55 10.06 23.39
CA TYR A 224 -28.61 9.61 22.37
C TYR A 224 -29.26 8.54 21.49
N LEU A 225 -29.76 7.48 22.13
CA LEU A 225 -30.40 6.40 21.40
C LEU A 225 -31.64 6.84 20.62
N ILE A 226 -32.46 7.70 21.19
CA ILE A 226 -33.66 8.17 20.48
C ILE A 226 -33.26 8.97 19.24
N SER A 227 -32.24 9.81 19.38
CA SER A 227 -31.76 10.63 18.26
C SER A 227 -31.33 9.73 17.09
N LEU A 228 -30.59 8.68 17.42
CA LEU A 228 -30.21 7.68 16.42
C LEU A 228 -31.42 6.99 15.79
N ALA A 229 -32.41 6.63 16.62
CA ALA A 229 -33.60 5.91 16.15
C ALA A 229 -34.48 6.76 15.24
N ARG A 230 -34.55 8.06 15.53
CA ARG A 230 -35.24 9.03 14.65
C ARG A 230 -34.44 9.40 13.39
N ASP A 231 -33.22 8.88 13.28
CA ASP A 231 -32.34 9.24 12.16
C ASP A 231 -32.11 10.76 12.16
N GLU A 232 -31.90 11.32 13.35
CA GLU A 232 -31.65 12.74 13.53
C GLU A 232 -30.40 13.02 14.36
N TYR A 233 -29.46 12.09 14.35
CA TYR A 233 -28.21 12.32 15.05
C TYR A 233 -27.33 13.15 14.15
N ASN A 234 -26.87 14.28 14.67
CA ASN A 234 -26.05 15.19 13.88
C ASN A 234 -25.04 15.91 14.77
N GLU A 235 -24.09 15.15 15.30
CA GLU A 235 -23.02 15.74 16.10
C GLU A 235 -21.86 16.10 15.17
N PRO A 236 -21.46 17.39 15.16
CA PRO A 236 -20.44 17.81 14.20
C PRO A 236 -19.08 17.22 14.51
N ILE A 237 -18.24 17.09 13.49
CA ILE A 237 -16.86 16.70 13.68
C ILE A 237 -16.19 17.91 14.33
N ARG A 238 -15.53 17.72 15.48
CA ARG A 238 -14.81 18.84 16.09
C ARG A 238 -13.39 18.48 16.50
N THR A 239 -12.52 19.47 16.40
CA THR A 239 -11.13 19.31 16.73
C THR A 239 -11.01 18.85 18.17
N ARG A 240 -10.15 17.88 18.38
CA ARG A 240 -10.01 17.31 19.70
C ARG A 240 -9.21 18.22 20.58
N VAL A 241 -9.77 18.51 21.75
CA VAL A 241 -9.11 19.27 22.80
C VAL A 241 -9.01 18.36 24.02
N ARG A 242 -7.80 17.98 24.38
CA ARG A 242 -7.56 17.15 25.54
C ARG A 242 -8.10 17.83 26.82
N LYS A 243 -8.88 17.09 27.61
CA LYS A 243 -9.43 17.62 28.86
C LYS A 243 -8.71 17.13 30.13
N SER A 244 -7.96 16.04 30.01
CA SER A 244 -7.17 15.55 31.14
C SER A 244 -5.90 14.86 30.65
N ILE A 245 -4.89 14.85 31.50
CA ILE A 245 -3.58 14.28 31.19
C ILE A 245 -3.06 13.64 32.44
N GLY A 246 -2.67 12.37 32.36
CA GLY A 246 -2.22 11.67 33.54
C GLY A 246 -1.30 10.49 33.30
N ARG A 247 -0.85 9.91 34.40
CA ARG A 247 0.05 8.76 34.40
C ARG A 247 -0.25 7.95 35.66
N ILE A 248 -0.37 6.64 35.50
CA ILE A 248 -0.47 5.74 36.64
C ILE A 248 0.49 4.56 36.41
N VAL A 249 1.21 4.22 37.48
CA VAL A 249 2.25 3.20 37.41
C VAL A 249 1.94 2.08 38.38
N THR A 250 2.50 0.90 38.11
CA THR A 250 2.32 -0.26 38.97
C THR A 250 3.49 -0.34 39.93
N MET A 251 3.19 -0.53 41.21
CA MET A 251 4.23 -0.68 42.21
C MET A 251 4.74 -2.11 42.23
N LYS A 252 6.00 -2.28 42.61
CA LYS A 252 6.65 -3.59 42.68
C LYS A 252 5.86 -4.52 43.59
N ARG A 253 5.41 -3.96 44.71
CA ARG A 253 4.64 -4.71 45.69
C ARG A 253 3.61 -3.78 46.32
N ASN A 254 2.47 -4.34 46.70
CA ASN A 254 1.39 -3.57 47.32
C ASN A 254 1.84 -2.96 48.63
N SER A 255 1.32 -1.77 48.93
CA SER A 255 1.80 -1.03 50.08
C SER A 255 0.80 0.00 50.58
N ARG A 256 0.90 0.30 51.87
CA ARG A 256 0.23 1.44 52.49
C ARG A 256 1.25 2.38 53.11
N ASN A 257 2.53 2.19 52.80
CA ASN A 257 3.61 2.98 53.38
C ASN A 257 3.89 4.20 52.51
N LEU A 258 3.56 5.39 53.03
CA LEU A 258 3.71 6.64 52.31
C LEU A 258 5.09 6.81 51.62
N GLU A 259 6.17 6.52 52.35
CA GLU A 259 7.52 6.72 51.81
C GLU A 259 7.85 5.70 50.73
N GLU A 260 7.21 4.55 50.78
CA GLU A 260 7.38 3.53 49.74
C GLU A 260 6.59 3.90 48.47
N ILE A 261 5.41 4.47 48.66
CA ILE A 261 4.54 4.85 47.54
C ILE A 261 5.03 6.14 46.85
N LYS A 262 5.57 7.06 47.64
CA LYS A 262 5.97 8.39 47.15
C LYS A 262 6.81 8.38 45.87
N PRO A 263 7.87 7.56 45.80
CA PRO A 263 8.70 7.51 44.58
C PRO A 263 7.91 7.27 43.30
N TYR A 264 6.94 6.37 43.37
CA TYR A 264 6.11 6.06 42.22
C TYR A 264 5.20 7.24 41.85
N LEU A 265 4.60 7.84 42.88
CA LEU A 265 3.69 8.97 42.69
C LEU A 265 4.43 10.12 42.05
N PHE A 266 5.65 10.39 42.53
CA PHE A 266 6.48 11.46 42.00
C PHE A 266 6.91 11.21 40.57
N ARG A 267 7.25 9.95 40.25
CA ARG A 267 7.49 9.56 38.86
C ARG A 267 6.27 9.86 37.97
N ALA A 268 5.07 9.59 38.47
CA ALA A 268 3.84 9.82 37.70
C ALA A 268 3.62 11.32 37.46
N ILE A 269 3.86 12.13 38.48
CA ILE A 269 3.75 13.60 38.36
C ILE A 269 4.75 14.13 37.33
N GLU A 270 6.00 13.69 37.41
CA GLU A 270 7.02 14.14 36.46
C GLU A 270 6.65 13.83 35.01
N GLU A 271 6.24 12.59 34.74
CA GLU A 271 5.84 12.21 33.38
C GLU A 271 4.59 12.97 32.95
N SER A 272 3.63 13.09 33.86
CA SER A 272 2.40 13.86 33.62
C SER A 272 2.69 15.30 33.28
N TYR A 273 3.50 15.96 34.11
CA TYR A 273 3.76 17.38 33.91
C TYR A 273 4.49 17.60 32.58
N TYR A 274 5.38 16.68 32.23
CA TYR A 274 6.02 16.68 30.91
C TYR A 274 4.99 16.60 29.78
N LYS A 275 4.05 15.66 29.90
CA LYS A 275 2.97 15.50 28.93
C LYS A 275 2.15 16.79 28.73
N LEU A 276 2.00 17.58 29.80
CA LEU A 276 1.16 18.79 29.73
C LEU A 276 1.54 19.77 28.61
N ASP A 277 2.81 19.81 28.23
CA ASP A 277 3.27 20.60 27.06
C ASP A 277 2.63 21.99 26.99
N LYS A 278 3.03 22.84 27.94
CA LYS A 278 2.52 24.22 28.04
C LYS A 278 1.14 24.35 28.70
N ARG A 279 0.35 23.28 28.76
CA ARG A 279 -0.94 23.34 29.44
C ARG A 279 -0.72 23.55 30.93
N ILE A 280 -1.60 24.33 31.54
CA ILE A 280 -1.53 24.61 32.97
C ILE A 280 -2.83 24.18 33.61
N PRO A 281 -2.79 23.14 34.45
CA PRO A 281 -4.03 22.62 35.03
C PRO A 281 -4.39 23.32 36.33
N LYS A 282 -5.69 23.42 36.58
CA LYS A 282 -6.22 23.94 37.84
C LYS A 282 -6.70 22.84 38.78
N ALA A 283 -6.79 21.60 38.28
CA ALA A 283 -7.20 20.46 39.10
C ALA A 283 -6.18 19.32 39.05
N ILE A 284 -6.05 18.64 40.17
CA ILE A 284 -5.20 17.47 40.31
C ILE A 284 -5.99 16.39 41.06
N HIS A 285 -5.90 15.17 40.57
CA HIS A 285 -6.45 14.02 41.27
C HIS A 285 -5.37 12.96 41.43
N VAL A 286 -5.24 12.43 42.64
CA VAL A 286 -4.41 11.25 42.87
C VAL A 286 -5.32 10.05 42.74
N VAL A 287 -4.89 9.08 41.91
CA VAL A 287 -5.68 7.90 41.62
C VAL A 287 -4.91 6.69 42.11
N ALA A 288 -5.57 5.83 42.87
CA ALA A 288 -4.98 4.61 43.39
C ALA A 288 -5.82 3.42 42.94
N VAL A 289 -5.13 2.39 42.45
CA VAL A 289 -5.76 1.09 42.22
C VAL A 289 -5.38 0.23 43.43
N THR A 290 -6.39 -0.24 44.17
CA THR A 290 -6.16 -1.01 45.38
C THR A 290 -5.80 -2.46 45.07
N GLU A 291 -5.36 -3.19 46.10
CA GLU A 291 -4.98 -4.60 45.97
C GLU A 291 -6.03 -5.48 45.28
N ASP A 292 -7.31 -5.21 45.53
CA ASP A 292 -8.41 -5.93 44.87
C ASP A 292 -8.86 -5.31 43.53
N LEU A 293 -8.00 -4.45 42.97
CA LEU A 293 -8.21 -3.82 41.65
C LEU A 293 -9.34 -2.79 41.58
N ASP A 294 -9.80 -2.31 42.73
CA ASP A 294 -10.76 -1.21 42.79
C ASP A 294 -10.00 0.10 42.48
N ILE A 295 -10.69 1.09 41.92
CA ILE A 295 -10.06 2.38 41.61
C ILE A 295 -10.67 3.49 42.44
N VAL A 296 -9.83 4.13 43.24
CA VAL A 296 -10.23 5.19 44.15
C VAL A 296 -9.43 6.45 43.82
N SER A 297 -10.01 7.62 44.08
CA SER A 297 -9.29 8.87 43.85
C SER A 297 -9.65 9.96 44.84
N ARG A 298 -8.72 10.89 45.03
CA ARG A 298 -8.96 12.09 45.79
C ARG A 298 -8.38 13.25 45.00
N GLY A 299 -9.12 14.36 44.95
CA GLY A 299 -8.69 15.49 44.14
C GLY A 299 -8.91 16.84 44.77
N ARG A 300 -8.41 17.85 44.08
CA ARG A 300 -8.57 19.23 44.49
C ARG A 300 -8.50 20.12 43.27
N THR A 301 -9.44 21.06 43.20
CA THR A 301 -9.44 22.10 42.18
C THR A 301 -9.06 23.43 42.83
N PHE A 302 -8.08 24.10 42.24
CA PHE A 302 -7.60 25.38 42.76
C PHE A 302 -8.20 26.52 41.94
N PRO A 303 -8.26 27.74 42.51
CA PRO A 303 -8.70 28.89 41.73
C PRO A 303 -7.70 29.37 40.67
N HIS A 304 -6.47 28.86 40.74
CA HIS A 304 -5.44 29.23 39.78
C HIS A 304 -4.70 27.98 39.31
N GLY A 305 -3.75 28.15 38.41
CA GLY A 305 -2.94 27.05 37.89
C GLY A 305 -2.05 26.41 38.95
N ILE A 306 -1.72 25.14 38.74
CA ILE A 306 -0.94 24.33 39.66
C ILE A 306 0.49 24.20 39.13
N SER A 307 1.47 24.77 39.84
CA SER A 307 2.89 24.58 39.50
C SER A 307 3.32 23.16 39.82
N LYS A 308 4.42 22.71 39.24
CA LYS A 308 4.92 21.38 39.55
C LYS A 308 5.19 21.22 41.04
N GLU A 309 5.70 22.27 41.69
CA GLU A 309 5.95 22.21 43.14
C GLU A 309 4.66 22.05 43.95
N THR A 310 3.60 22.73 43.55
CA THR A 310 2.31 22.58 44.20
C THR A 310 1.74 21.17 43.95
N ALA A 311 1.98 20.64 42.75
CA ALA A 311 1.54 19.29 42.41
C ALA A 311 2.17 18.26 43.34
N TYR A 312 3.47 18.41 43.62
CA TYR A 312 4.15 17.53 44.58
C TYR A 312 3.52 17.62 45.96
N SER A 313 3.39 18.84 46.47
CA SER A 313 2.84 19.09 47.80
C SER A 313 1.43 18.54 47.93
N GLU A 314 0.58 18.90 46.97
CA GLU A 314 -0.82 18.55 47.04
C GLU A 314 -1.06 17.05 46.85
N SER A 315 -0.29 16.42 45.97
CA SER A 315 -0.43 14.99 45.71
C SER A 315 -0.17 14.15 46.97
N VAL A 316 0.81 14.55 47.77
CA VAL A 316 1.09 13.82 49.01
C VAL A 316 -0.11 13.92 49.97
N LYS A 317 -0.70 15.11 50.06
CA LYS A 317 -1.89 15.32 50.91
C LYS A 317 -3.05 14.45 50.45
N LEU A 318 -3.21 14.33 49.14
CA LEU A 318 -4.28 13.53 48.57
C LEU A 318 -4.04 12.03 48.77
N LEU A 319 -2.80 11.58 48.60
CA LEU A 319 -2.43 10.20 48.93
C LEU A 319 -2.66 9.89 50.42
N GLN A 320 -2.30 10.85 51.28
CA GLN A 320 -2.54 10.72 52.72
C GLN A 320 -4.03 10.53 53.02
N LYS A 321 -4.87 11.32 52.35
CA LYS A 321 -6.32 11.22 52.49
C LYS A 321 -6.84 9.83 52.07
N ILE A 322 -6.33 9.31 50.96
CA ILE A 322 -6.71 7.97 50.49
C ILE A 322 -6.37 6.92 51.54
N LEU A 323 -5.14 7.00 52.04
CA LEU A 323 -4.67 6.11 53.09
C LEU A 323 -5.53 6.22 54.36
N GLU A 324 -5.83 7.44 54.78
CA GLU A 324 -6.66 7.69 55.96
C GLU A 324 -8.08 7.13 55.81
N GLU A 325 -8.66 7.31 54.63
CA GLU A 325 -10.07 6.99 54.40
C GLU A 325 -10.30 5.60 53.80
N ASP A 326 -9.23 4.94 53.38
CA ASP A 326 -9.33 3.60 52.81
C ASP A 326 -8.28 2.65 53.38
N GLU A 327 -8.74 1.55 53.96
CA GLU A 327 -7.87 0.59 54.68
C GLU A 327 -7.02 -0.29 53.77
N ARG A 328 -7.42 -0.46 52.52
CA ARG A 328 -6.77 -1.41 51.60
C ARG A 328 -5.37 -0.99 51.16
N LYS A 329 -4.57 -1.99 50.79
CA LYS A 329 -3.23 -1.73 50.24
C LYS A 329 -3.39 -1.19 48.83
N ILE A 330 -2.39 -0.46 48.37
CA ILE A 330 -2.39 0.12 47.03
C ILE A 330 -1.46 -0.65 46.11
N ARG A 331 -1.94 -0.88 44.88
CA ARG A 331 -1.22 -1.66 43.86
C ARG A 331 -0.67 -0.77 42.75
N ARG A 332 -1.51 0.13 42.22
CA ARG A 332 -1.08 1.10 41.22
C ARG A 332 -1.37 2.49 41.78
N ILE A 333 -0.52 3.45 41.46
CA ILE A 333 -0.65 4.81 41.96
C ILE A 333 -0.33 5.81 40.86
N GLY A 334 -1.03 6.93 40.85
CA GLY A 334 -0.76 7.94 39.84
C GLY A 334 -1.55 9.21 40.01
N VAL A 335 -1.59 9.99 38.93
CA VAL A 335 -2.09 11.34 38.99
C VAL A 335 -2.78 11.67 37.68
N ARG A 336 -3.72 12.61 37.74
CA ARG A 336 -4.38 13.12 36.56
C ARG A 336 -4.59 14.61 36.76
N PHE A 337 -4.31 15.37 35.71
CA PHE A 337 -4.45 16.81 35.72
C PHE A 337 -5.56 17.19 34.76
N SER A 338 -6.32 18.22 35.11
CA SER A 338 -7.46 18.63 34.31
C SER A 338 -7.75 20.12 34.54
N LYS A 339 -8.83 20.61 33.94
CA LYS A 339 -9.23 22.02 34.04
C LYS A 339 -8.10 22.95 33.61
N PHE A 340 -7.71 22.80 32.35
CA PHE A 340 -6.59 23.54 31.81
C PHE A 340 -6.97 25.00 31.59
N ILE A 341 -6.03 25.90 31.89
CA ILE A 341 -6.22 27.30 31.55
C ILE A 341 -5.81 27.48 30.09
P 2DT B 13 -13.71 0.87 20.36
OP1 2DT B 13 -13.59 1.50 19.04
OP2 2DT B 13 -14.01 -0.57 20.52
O5' 2DT B 13 -12.33 1.25 21.08
N1 2DT B 13 -9.92 0.83 24.14
C6 2DT B 13 -10.81 -0.17 23.82
C2 2DT B 13 -9.50 1.01 25.43
O2 2DT B 13 -8.72 1.88 25.78
N3 2DT B 13 -10.04 0.13 26.33
C4 2DT B 13 -10.94 -0.90 26.09
O4 2DT B 13 -11.35 -1.63 26.98
C5 2DT B 13 -11.34 -1.03 24.71
C5M 2DT B 13 -12.31 -2.10 24.30
C2' 2DT B 13 -9.04 1.08 21.80
C5' 2DT B 13 -12.05 2.68 21.27
C4' 2DT B 13 -10.59 2.95 21.48
O4' 2DT B 13 -10.27 2.83 22.90
C1' 2DT B 13 -9.35 1.78 23.11
C3' 2DT B 13 -9.68 1.97 20.74
P MG1 C 7 1.09 0.14 34.14
OP1 MG1 C 7 2.51 0.48 33.78
OP2 MG1 C 7 0.54 0.28 35.53
O5' MG1 C 7 0.21 1.08 33.19
C5' MG1 C 7 0.66 1.30 31.86
C4' MG1 C 7 -0.47 1.85 31.02
O4' MG1 C 7 -1.57 0.98 30.95
C3' MG1 C 7 -1.05 3.17 31.53
O3' MG1 C 7 -0.29 4.21 30.95
C2' MG1 C 7 -2.49 3.15 31.06
C1' MG1 C 7 -2.69 1.74 30.51
N9 MG1 C 7 -3.91 1.05 30.98
C8 MG1 C 7 -4.16 0.57 32.22
N7 MG1 C 7 -5.38 -0.01 32.23
C5 MG1 C 7 -5.87 0.09 30.98
C6 MG1 C 7 -7.07 -0.32 30.38
O6 MG1 C 7 -7.96 -0.91 31.03
N1 MG1 C 7 -7.27 -0.07 29.09
CM1 MG1 C 7 -8.54 -0.51 28.53
C2 MG1 C 7 -6.35 0.59 28.37
N2 MG1 C 7 -6.56 0.86 27.07
N3 MG1 C 7 -5.18 1.02 28.90
C4 MG1 C 7 -4.93 0.75 30.20
N GLY D 1 -16.97 -2.33 -24.50
CA GLY D 1 -15.51 -2.59 -24.58
C GLY D 1 -14.74 -1.70 -23.61
N ILE D 2 -14.20 -2.29 -22.53
CA ILE D 2 -13.39 -1.56 -21.54
C ILE D 2 -12.11 -2.32 -21.23
N VAL D 3 -10.96 -1.67 -21.45
CA VAL D 3 -9.67 -2.29 -21.20
C VAL D 3 -8.98 -1.55 -20.05
N LEU D 4 -8.42 -2.29 -19.10
CA LEU D 4 -7.63 -1.73 -18.00
C LEU D 4 -6.20 -2.22 -18.13
N PHE D 5 -5.27 -1.28 -18.18
CA PHE D 5 -3.84 -1.58 -18.36
C PHE D 5 -3.09 -1.19 -17.09
N VAL D 6 -2.20 -2.07 -16.63
CA VAL D 6 -1.42 -1.84 -15.43
C VAL D 6 0.07 -1.93 -15.75
N ASP D 7 0.83 -0.95 -15.29
CA ASP D 7 2.27 -0.86 -15.56
C ASP D 7 2.94 -0.51 -14.23
N PHE D 8 3.87 -1.34 -13.76
CA PHE D 8 4.40 -1.17 -12.40
C PHE D 8 5.41 -0.03 -12.36
N ASP D 9 5.38 0.80 -11.32
CA ASP D 9 6.26 1.98 -11.28
C ASP D 9 7.75 1.63 -11.04
N TYR D 10 8.64 2.28 -11.82
CA TYR D 10 10.11 2.08 -11.77
C TYR D 10 10.54 0.71 -11.25
N PHE D 11 10.05 -0.33 -11.93
CA PHE D 11 9.86 -1.63 -11.31
C PHE D 11 11.08 -2.24 -10.59
N TYR D 12 12.20 -2.45 -11.28
CA TYR D 12 13.33 -3.15 -10.66
C TYR D 12 13.83 -2.37 -9.46
N ALA D 13 13.91 -1.05 -9.61
CA ALA D 13 14.35 -0.20 -8.52
C ALA D 13 13.35 -0.22 -7.37
N GLN D 14 12.06 -0.25 -7.69
CA GLN D 14 11.02 -0.26 -6.65
C GLN D 14 11.08 -1.57 -5.85
N VAL D 15 11.25 -2.69 -6.53
CA VAL D 15 11.42 -3.99 -5.85
C VAL D 15 12.58 -3.92 -4.84
N GLU D 16 13.72 -3.36 -5.28
CA GLU D 16 14.87 -3.19 -4.39
C GLU D 16 14.56 -2.29 -3.17
N GLU D 17 13.72 -1.27 -3.36
CA GLU D 17 13.29 -0.40 -2.25
C GLU D 17 12.34 -1.14 -1.28
N VAL D 18 11.51 -2.02 -1.82
CA VAL D 18 10.62 -2.82 -0.98
C VAL D 18 11.43 -3.80 -0.14
N LEU D 19 12.47 -4.37 -0.74
CA LEU D 19 13.35 -5.31 -0.05
C LEU D 19 14.25 -4.60 0.98
N ASN D 20 14.64 -3.37 0.68
CA ASN D 20 15.44 -2.54 1.59
C ASN D 20 14.84 -1.14 1.71
N PRO D 21 13.86 -0.96 2.62
CA PRO D 21 13.12 0.30 2.75
C PRO D 21 13.98 1.55 3.01
N SER D 22 15.18 1.38 3.54
CA SER D 22 16.08 2.52 3.79
C SER D 22 16.53 3.22 2.50
N LEU D 23 16.45 2.52 1.38
CA LEU D 23 16.76 3.10 0.06
C LEU D 23 15.74 4.15 -0.38
N LYS D 24 14.50 4.02 0.09
CA LYS D 24 13.41 4.86 -0.40
C LYS D 24 13.72 6.34 -0.16
N GLY D 25 13.34 7.17 -1.12
CA GLY D 25 13.53 8.61 -1.00
C GLY D 25 14.89 9.13 -1.43
N LYS D 26 15.76 8.25 -1.93
CA LYS D 26 17.04 8.70 -2.51
C LYS D 26 17.40 7.85 -3.76
N PRO D 27 18.36 8.34 -4.56
CA PRO D 27 18.61 7.71 -5.86
C PRO D 27 19.02 6.25 -5.76
N VAL D 28 18.38 5.42 -6.59
CA VAL D 28 18.69 4.01 -6.71
C VAL D 28 18.80 3.67 -8.20
N VAL D 29 19.88 2.99 -8.55
CA VAL D 29 20.19 2.69 -9.96
C VAL D 29 20.48 1.20 -10.09
N VAL D 30 19.64 0.51 -10.88
CA VAL D 30 19.78 -0.92 -11.07
C VAL D 30 20.60 -1.14 -12.34
N CYS D 31 21.70 -1.88 -12.22
CA CYS D 31 22.73 -1.94 -13.26
C CYS D 31 22.88 -3.31 -13.90
N VAL D 32 23.16 -3.31 -15.19
CA VAL D 32 23.48 -4.52 -15.94
C VAL D 32 24.96 -4.49 -16.26
N PHE D 33 25.76 -5.12 -15.39
CA PHE D 33 27.20 -5.15 -15.54
C PHE D 33 27.61 -6.18 -16.61
N SER D 34 28.35 -5.73 -17.62
CA SER D 34 28.71 -6.58 -18.75
C SER D 34 29.94 -7.46 -18.50
N GLY D 35 30.81 -7.04 -17.57
CA GLY D 35 31.99 -7.83 -17.20
C GLY D 35 33.28 -7.43 -17.91
N ARG D 36 33.17 -6.62 -18.97
CA ARG D 36 34.32 -6.11 -19.71
C ARG D 36 35.41 -5.52 -18.80
N PHE D 37 35.02 -4.54 -18.00
CA PHE D 37 35.89 -3.90 -17.02
C PHE D 37 35.03 -3.40 -15.86
N GLU D 38 35.66 -2.76 -14.87
CA GLU D 38 34.93 -2.23 -13.72
C GLU D 38 33.88 -1.22 -14.16
N ASP D 39 32.63 -1.49 -13.78
CA ASP D 39 31.49 -0.60 -14.07
C ASP D 39 31.09 -0.55 -15.55
N SER D 40 31.58 -1.49 -16.35
CA SER D 40 31.16 -1.57 -17.74
C SER D 40 29.72 -2.08 -17.78
N GLY D 41 28.93 -1.53 -18.70
CA GLY D 41 27.54 -1.93 -18.83
C GLY D 41 26.60 -0.74 -18.80
N ALA D 42 25.31 -1.04 -18.64
CA ALA D 42 24.24 -0.04 -18.78
C ALA D 42 23.22 -0.16 -17.65
N VAL D 43 22.44 0.90 -17.49
CA VAL D 43 21.39 0.96 -16.47
C VAL D 43 20.12 0.28 -16.98
N ALA D 44 19.58 -0.65 -16.20
CA ALA D 44 18.30 -1.30 -16.53
C ALA D 44 17.16 -0.36 -16.18
N THR D 45 17.26 0.28 -15.02
CA THR D 45 16.35 1.35 -14.64
C THR D 45 16.87 2.09 -13.41
N ALA D 46 16.23 3.20 -13.08
CA ALA D 46 16.56 3.95 -11.87
C ALA D 46 15.26 4.53 -11.32
N ASN D 47 15.23 4.80 -10.02
CA ASN D 47 14.04 5.42 -9.42
C ASN D 47 13.90 6.89 -9.86
N TYR D 48 12.77 7.52 -9.53
CA TYR D 48 12.48 8.86 -10.06
C TYR D 48 13.42 9.93 -9.50
N GLU D 49 13.93 9.69 -8.29
CA GLU D 49 14.95 10.55 -7.69
C GLU D 49 16.19 10.64 -8.60
N ALA D 50 16.66 9.48 -9.06
CA ALA D 50 17.82 9.43 -9.97
C ALA D 50 17.51 10.01 -11.35
N ARG D 51 16.29 9.80 -11.85
CA ARG D 51 15.88 10.32 -13.16
C ARG D 51 15.82 11.83 -13.22
N LYS D 52 15.65 12.48 -12.06
CA LYS D 52 15.70 13.95 -11.99
C LYS D 52 17.02 14.47 -12.56
N PHE D 53 18.08 13.68 -12.42
CA PHE D 53 19.42 14.08 -12.84
C PHE D 53 19.85 13.45 -14.16
N GLY D 54 18.91 12.83 -14.87
CA GLY D 54 19.18 12.24 -16.16
C GLY D 54 19.59 10.78 -16.14
N VAL D 55 19.63 10.16 -14.96
CA VAL D 55 20.06 8.75 -14.84
C VAL D 55 18.86 7.84 -15.04
N LYS D 56 18.89 7.07 -16.13
CA LYS D 56 17.75 6.27 -16.57
C LYS D 56 18.16 5.06 -17.41
N ALA D 57 17.18 4.21 -17.73
CA ALA D 57 17.40 3.01 -18.54
C ALA D 57 18.20 3.33 -19.79
N GLY D 58 19.24 2.54 -20.02
CA GLY D 58 20.00 2.60 -21.27
C GLY D 58 21.25 3.44 -21.26
N ILE D 59 21.49 4.20 -20.18
CA ILE D 59 22.72 4.96 -20.10
C ILE D 59 23.82 4.07 -19.52
N PRO D 60 25.08 4.28 -19.97
CA PRO D 60 26.22 3.59 -19.38
C PRO D 60 26.35 3.83 -17.89
N ILE D 61 26.76 2.79 -17.16
CA ILE D 61 26.93 2.88 -15.71
C ILE D 61 27.97 3.94 -15.36
N VAL D 62 29.10 3.94 -16.07
CA VAL D 62 30.15 4.94 -15.82
C VAL D 62 29.64 6.37 -15.95
N GLU D 63 28.78 6.63 -16.93
CA GLU D 63 28.14 7.93 -17.09
C GLU D 63 27.25 8.29 -15.89
N ALA D 64 26.42 7.33 -15.47
CA ALA D 64 25.58 7.50 -14.28
C ALA D 64 26.42 7.88 -13.07
N LYS D 65 27.52 7.16 -12.86
CA LYS D 65 28.43 7.43 -11.74
C LYS D 65 29.10 8.80 -11.79
N LYS D 66 29.32 9.35 -12.99
CA LYS D 66 29.85 10.72 -13.13
C LYS D 66 28.83 11.72 -12.59
N ILE D 67 27.56 11.49 -12.90
CA ILE D 67 26.49 12.39 -12.47
C ILE D 67 26.18 12.21 -10.98
N LEU D 68 25.98 10.96 -10.57
CA LEU D 68 25.58 10.63 -9.20
C LEU D 68 26.53 9.63 -8.56
N PRO D 69 27.72 10.09 -8.15
CA PRO D 69 28.70 9.16 -7.55
C PRO D 69 28.26 8.54 -6.22
N ASN D 70 27.33 9.18 -5.50
CA ASN D 70 26.90 8.70 -4.18
C ASN D 70 25.57 7.96 -4.19
N ALA D 71 25.00 7.76 -5.38
CA ALA D 71 23.77 7.00 -5.53
C ALA D 71 24.01 5.55 -5.12
N VAL D 72 22.93 4.82 -4.85
CA VAL D 72 23.04 3.41 -4.53
C VAL D 72 22.95 2.64 -5.85
N TYR D 73 24.03 1.92 -6.18
CA TYR D 73 24.12 1.13 -7.41
C TYR D 73 24.00 -0.35 -7.09
N LEU D 74 22.98 -0.99 -7.64
CA LEU D 74 22.70 -2.37 -7.35
C LEU D 74 22.74 -3.20 -8.63
N PRO D 75 23.28 -4.42 -8.56
CA PRO D 75 23.24 -5.29 -9.72
C PRO D 75 21.82 -5.80 -9.97
N MET D 76 21.45 -5.89 -11.24
CA MET D 76 20.14 -6.39 -11.63
C MET D 76 20.00 -7.83 -11.16
N ARG D 77 18.97 -8.09 -10.37
CA ARG D 77 18.60 -9.45 -9.95
C ARG D 77 17.28 -9.84 -10.61
N LYS D 78 17.34 -10.18 -11.89
CA LYS D 78 16.13 -10.31 -12.71
C LYS D 78 15.21 -11.43 -12.21
N GLU D 79 15.80 -12.47 -11.64
CA GLU D 79 15.05 -13.63 -11.12
C GLU D 79 14.19 -13.21 -9.92
N VAL D 80 14.73 -12.31 -9.10
CA VAL D 80 13.99 -11.76 -7.95
C VAL D 80 12.81 -10.89 -8.42
N TYR D 81 13.05 -10.02 -9.40
CA TYR D 81 11.99 -9.16 -9.94
C TYR D 81 10.92 -10.01 -10.62
N GLN D 82 11.33 -11.11 -11.25
CA GLN D 82 10.39 -12.00 -11.91
C GLN D 82 9.45 -12.70 -10.91
N GLN D 83 9.98 -13.07 -9.74
CA GLN D 83 9.18 -13.66 -8.69
C GLN D 83 8.07 -12.69 -8.25
N VAL D 84 8.45 -11.43 -8.04
CA VAL D 84 7.48 -10.40 -7.69
C VAL D 84 6.46 -10.20 -8.80
N SER D 85 6.93 -10.09 -10.04
CA SER D 85 6.04 -9.91 -11.20
C SER D 85 5.01 -11.02 -11.29
N SER D 86 5.46 -12.26 -11.23
CA SER D 86 4.55 -13.40 -11.34
C SER D 86 3.47 -13.40 -10.25
N ARG D 87 3.85 -13.05 -9.02
CA ARG D 87 2.87 -12.90 -7.93
C ARG D 87 1.85 -11.80 -8.27
N ILE D 88 2.30 -10.65 -8.77
CA ILE D 88 1.37 -9.57 -9.11
C ILE D 88 0.43 -9.97 -10.26
N MET D 89 0.96 -10.65 -11.26
CA MET D 89 0.13 -11.12 -12.38
C MET D 89 -0.97 -12.06 -11.91
N ASN D 90 -0.67 -12.89 -10.92
CA ASN D 90 -1.68 -13.77 -10.31
C ASN D 90 -2.77 -12.98 -9.56
N LEU D 91 -2.40 -11.86 -8.93
CA LEU D 91 -3.39 -10.98 -8.29
C LEU D 91 -4.32 -10.37 -9.35
N LEU D 92 -3.77 -9.98 -10.49
CA LEU D 92 -4.56 -9.37 -11.56
C LEU D 92 -5.56 -10.34 -12.21
N ARG D 93 -5.18 -11.61 -12.30
CA ARG D 93 -6.06 -12.66 -12.82
C ARG D 93 -7.39 -12.76 -12.07
N GLU D 94 -7.40 -12.36 -10.80
CA GLU D 94 -8.59 -12.41 -9.97
C GLU D 94 -9.64 -11.35 -10.34
N TYR D 95 -9.21 -10.33 -11.07
CA TYR D 95 -10.12 -9.28 -11.54
C TYR D 95 -10.60 -9.54 -12.97
N SER D 96 -9.79 -10.22 -13.77
CA SER D 96 -10.25 -10.70 -15.08
C SER D 96 -9.37 -11.83 -15.59
N GLU D 97 -10.02 -12.86 -16.11
CA GLU D 97 -9.33 -14.02 -16.69
C GLU D 97 -8.77 -13.65 -18.05
N LYS D 98 -9.43 -12.72 -18.73
CA LYS D 98 -8.94 -12.18 -20.00
C LYS D 98 -7.76 -11.25 -19.74
N ILE D 99 -6.56 -11.84 -19.58
CA ILE D 99 -5.35 -11.09 -19.25
C ILE D 99 -4.25 -11.29 -20.31
N GLU D 100 -3.64 -10.18 -20.73
CA GLU D 100 -2.53 -10.20 -21.70
C GLU D 100 -1.29 -9.60 -21.02
N ILE D 101 -0.36 -10.47 -20.61
CA ILE D 101 0.89 -10.04 -19.99
C ILE D 101 1.84 -9.60 -21.10
N ALA D 102 2.22 -8.32 -21.08
CA ALA D 102 2.95 -7.72 -22.20
C ALA D 102 4.45 -7.53 -21.94
N SER D 103 4.85 -7.56 -20.68
CA SER D 103 6.26 -7.44 -20.32
C SER D 103 6.42 -7.95 -18.89
N ILE D 104 7.62 -7.82 -18.35
CA ILE D 104 7.86 -8.22 -16.97
C ILE D 104 7.07 -7.36 -15.96
N ASP D 105 6.60 -6.19 -16.38
CA ASP D 105 5.91 -5.28 -15.45
C ASP D 105 4.59 -4.70 -15.94
N GLU D 106 3.97 -5.31 -16.96
CA GLU D 106 2.78 -4.76 -17.64
C GLU D 106 1.78 -5.81 -18.01
N ALA D 107 0.49 -5.48 -17.92
CA ALA D 107 -0.57 -6.36 -18.43
C ALA D 107 -1.83 -5.58 -18.78
N TYR D 108 -2.58 -6.12 -19.75
CA TYR D 108 -3.89 -5.60 -20.13
C TYR D 108 -4.96 -6.56 -19.65
N LEU D 109 -6.03 -6.01 -19.08
CA LEU D 109 -7.20 -6.77 -18.65
C LEU D 109 -8.41 -6.30 -19.46
N ASP D 110 -9.16 -7.25 -19.99
CA ASP D 110 -10.45 -6.92 -20.60
C ASP D 110 -11.49 -7.04 -19.49
N ILE D 111 -12.02 -5.90 -19.06
CA ILE D 111 -12.99 -5.87 -17.96
C ILE D 111 -14.40 -5.52 -18.44
N SER D 112 -14.70 -5.83 -19.71
CA SER D 112 -16.01 -5.52 -20.29
C SER D 112 -17.16 -6.23 -19.56
N ASP D 113 -16.90 -7.43 -19.06
CA ASP D 113 -17.93 -8.24 -18.37
C ASP D 113 -17.89 -8.11 -16.85
N LYS D 114 -16.96 -7.31 -16.34
CA LYS D 114 -16.80 -7.10 -14.89
C LYS D 114 -17.36 -5.75 -14.45
N VAL D 115 -17.39 -4.78 -15.36
CA VAL D 115 -17.86 -3.43 -15.05
C VAL D 115 -18.81 -2.92 -16.11
N ARG D 116 -19.77 -2.10 -15.69
CA ARG D 116 -20.80 -1.58 -16.59
C ARG D 116 -20.35 -0.33 -17.35
N ASP D 117 -19.50 0.48 -16.73
CA ASP D 117 -19.09 1.76 -17.32
C ASP D 117 -17.73 2.21 -16.78
N TYR D 118 -17.23 3.31 -17.31
CA TYR D 118 -15.89 3.81 -16.93
C TYR D 118 -15.80 4.25 -15.47
N ARG D 119 -16.95 4.57 -14.88
CA ARG D 119 -17.00 4.95 -13.49
C ARG D 119 -16.71 3.74 -12.60
N GLU D 120 -17.31 2.61 -12.93
CA GLU D 120 -17.03 1.35 -12.22
C GLU D 120 -15.60 0.87 -12.50
N ALA D 121 -15.13 1.08 -13.72
CA ALA D 121 -13.76 0.71 -14.10
C ALA D 121 -12.73 1.45 -13.26
N TYR D 122 -12.96 2.75 -13.05
CA TYR D 122 -12.09 3.57 -12.21
C TYR D 122 -12.08 3.03 -10.77
N ASN D 123 -13.27 2.79 -10.23
CA ASN D 123 -13.44 2.11 -8.93
C ASN D 123 -12.52 0.89 -8.88
N LEU D 124 -12.67 0.00 -9.87
CA LEU D 124 -11.86 -1.23 -9.97
C LEU D 124 -10.35 -0.95 -10.04
N GLY D 125 -9.97 0.06 -10.82
CA GLY D 125 -8.58 0.52 -10.85
C GLY D 125 -7.99 0.84 -9.49
N LEU D 126 -8.73 1.58 -8.66
CA LEU D 126 -8.26 1.86 -7.30
C LEU D 126 -8.17 0.60 -6.44
N GLU D 127 -9.15 -0.29 -6.62
CA GLU D 127 -9.15 -1.57 -5.94
C GLU D 127 -7.88 -2.39 -6.27
N ILE D 128 -7.53 -2.43 -7.54
CA ILE D 128 -6.34 -3.15 -7.99
C ILE D 128 -5.06 -2.56 -7.37
N LYS D 129 -4.94 -1.24 -7.42
CA LYS D 129 -3.81 -0.54 -6.79
C LYS D 129 -3.72 -0.83 -5.29
N ASN D 130 -4.86 -0.89 -4.61
CA ASN D 130 -4.89 -1.20 -3.19
C ASN D 130 -4.40 -2.63 -2.93
N LYS D 131 -4.90 -3.57 -3.74
CA LYS D 131 -4.50 -4.99 -3.61
C LYS D 131 -2.99 -5.17 -3.79
N ILE D 132 -2.44 -4.59 -4.87
CA ILE D 132 -1.03 -4.74 -5.14
C ILE D 132 -0.17 -4.07 -4.04
N LEU D 133 -0.64 -2.94 -3.52
CA LEU D 133 0.04 -2.28 -2.39
C LEU D 133 -0.08 -3.13 -1.11
N GLU D 134 -1.29 -3.59 -0.82
CA GLU D 134 -1.58 -4.47 0.33
C GLU D 134 -0.59 -5.65 0.33
N LYS D 135 -0.55 -6.37 -0.80
CA LYS D 135 0.18 -7.62 -0.89
C LYS D 135 1.68 -7.50 -1.17
N GLU D 136 2.07 -6.54 -2.01
CA GLU D 136 3.47 -6.45 -2.48
C GLU D 136 4.18 -5.13 -2.18
N LYS D 137 3.44 -4.13 -1.68
CA LYS D 137 3.96 -2.79 -1.41
C LYS D 137 4.55 -2.10 -2.65
N ILE D 138 3.96 -2.41 -3.81
CA ILE D 138 4.36 -1.89 -5.10
C ILE D 138 3.28 -0.93 -5.61
N THR D 139 3.68 0.27 -5.99
CA THR D 139 2.77 1.21 -6.65
C THR D 139 2.80 0.94 -8.14
N VAL D 140 1.65 1.17 -8.78
CA VAL D 140 1.48 0.96 -10.21
C VAL D 140 0.67 2.09 -10.81
N THR D 141 0.74 2.19 -12.12
CA THR D 141 -0.08 3.11 -12.86
C THR D 141 -1.10 2.31 -13.67
N VAL D 142 -2.35 2.78 -13.62
CA VAL D 142 -3.47 2.16 -14.33
C VAL D 142 -3.98 3.10 -15.41
N GLY D 143 -4.19 2.55 -16.61
CA GLY D 143 -4.84 3.28 -17.69
C GLY D 143 -6.06 2.51 -18.14
N ILE D 144 -7.16 3.23 -18.37
CA ILE D 144 -8.45 2.64 -18.72
C ILE D 144 -9.01 3.32 -19.96
N SER D 145 -9.38 2.54 -20.97
CA SER D 145 -10.06 3.09 -22.14
C SER D 145 -10.81 2.02 -22.93
N LYS D 146 -11.19 2.35 -24.16
CA LYS D 146 -12.01 1.46 -24.99
C LYS D 146 -11.20 0.38 -25.69
N ASN D 147 -9.87 0.52 -25.72
CA ASN D 147 -9.01 -0.48 -26.35
C ASN D 147 -7.60 -0.46 -25.76
N LYS D 148 -6.76 -1.40 -26.18
CA LYS D 148 -5.40 -1.52 -25.68
C LYS D 148 -4.55 -0.25 -25.87
N VAL D 149 -4.59 0.34 -27.06
CA VAL D 149 -3.74 1.49 -27.37
C VAL D 149 -4.00 2.69 -26.47
N PHE D 150 -5.26 3.10 -26.37
CA PHE D 150 -5.58 4.26 -25.54
C PHE D 150 -5.48 3.98 -24.03
N ALA D 151 -5.67 2.73 -23.61
CA ALA D 151 -5.42 2.36 -22.22
C ALA D 151 -3.94 2.51 -21.89
N LYS D 152 -3.06 2.13 -22.83
CA LYS D 152 -1.63 2.34 -22.64
C LYS D 152 -1.30 3.82 -22.62
N ILE D 153 -1.88 4.58 -23.56
CA ILE D 153 -1.66 6.02 -23.60
C ILE D 153 -2.11 6.66 -22.29
N ALA D 154 -3.23 6.19 -21.75
CA ALA D 154 -3.76 6.69 -20.47
C ALA D 154 -2.75 6.48 -19.35
N ALA D 155 -2.18 5.29 -19.28
CA ALA D 155 -1.15 4.99 -18.27
C ALA D 155 0.07 5.88 -18.47
N ASP D 156 0.53 6.01 -19.72
CA ASP D 156 1.70 6.84 -20.03
C ASP D 156 1.51 8.30 -19.59
N MET D 157 0.28 8.79 -19.66
CA MET D 157 -0.04 10.16 -19.23
C MET D 157 -0.10 10.32 -17.70
N ALA D 158 -0.40 9.23 -16.99
CA ALA D 158 -0.67 9.32 -15.56
C ALA D 158 0.51 8.86 -14.70
N LYS D 159 1.53 8.26 -15.30
CA LYS D 159 2.61 7.70 -14.50
C LYS D 159 3.52 8.80 -13.94
N PRO D 160 4.16 8.55 -12.79
CA PRO D 160 4.09 7.34 -11.97
C PRO D 160 2.95 7.43 -10.95
N ASN D 161 2.53 6.26 -10.47
CA ASN D 161 1.55 6.14 -9.40
C ASN D 161 0.25 6.91 -9.68
N GLY D 162 -0.31 6.64 -10.85
CA GLY D 162 -1.50 7.33 -11.28
C GLY D 162 -2.60 6.39 -11.71
N ILE D 163 -3.72 7.00 -12.07
CA ILE D 163 -4.84 6.31 -12.68
C ILE D 163 -5.55 7.31 -13.59
N LYS D 164 -5.90 6.89 -14.80
CA LYS D 164 -6.46 7.80 -15.80
C LYS D 164 -7.42 7.02 -16.69
N VAL D 165 -8.60 7.60 -16.90
CA VAL D 165 -9.58 7.08 -17.83
C VAL D 165 -9.61 7.98 -19.07
N ILE D 166 -9.55 7.37 -20.24
CA ILE D 166 -9.79 8.09 -21.49
C ILE D 166 -11.11 7.60 -22.08
N ASP D 167 -12.16 8.39 -21.87
CA ASP D 167 -13.51 8.02 -22.32
C ASP D 167 -13.66 8.22 -23.82
N ASP D 168 -14.83 7.84 -24.35
CA ASP D 168 -15.05 7.89 -25.80
C ASP D 168 -14.82 9.29 -26.35
N GLU D 169 -15.24 10.30 -25.60
CA GLU D 169 -15.12 11.70 -26.06
C GLU D 169 -13.67 12.21 -26.08
N GLU D 170 -12.86 11.80 -25.10
CA GLU D 170 -11.46 12.22 -25.11
C GLU D 170 -10.64 11.43 -26.15
N VAL D 171 -11.05 10.20 -26.43
CA VAL D 171 -10.48 9.44 -27.56
C VAL D 171 -10.62 10.24 -28.87
N LYS D 172 -11.82 10.79 -29.11
CA LYS D 172 -12.05 11.64 -30.28
C LYS D 172 -11.13 12.85 -30.26
N ARG D 173 -11.01 13.49 -29.09
CA ARG D 173 -10.15 14.66 -28.93
C ARG D 173 -8.69 14.32 -29.22
N LEU D 174 -8.24 13.19 -28.69
CA LEU D 174 -6.85 12.75 -28.87
C LEU D 174 -6.52 12.37 -30.32
N ILE D 175 -7.46 11.74 -31.02
CA ILE D 175 -7.31 11.47 -32.46
C ILE D 175 -6.98 12.76 -33.22
N ARG D 176 -7.55 13.88 -32.77
CA ARG D 176 -7.32 15.18 -33.39
C ARG D 176 -6.07 15.89 -32.86
N GLU D 177 -5.81 15.78 -31.56
CA GLU D 177 -4.81 16.64 -30.91
C GLU D 177 -3.52 15.97 -30.44
N LEU D 178 -3.57 14.67 -30.11
CA LEU D 178 -2.39 13.95 -29.64
C LEU D 178 -1.32 13.86 -30.72
N ASP D 179 -0.12 14.34 -30.39
CA ASP D 179 1.05 14.16 -31.25
C ASP D 179 1.13 12.69 -31.67
N ILE D 180 1.14 12.45 -32.97
CA ILE D 180 1.16 11.07 -33.48
C ILE D 180 2.37 10.29 -32.99
N ALA D 181 3.46 11.01 -32.69
CA ALA D 181 4.68 10.41 -32.15
C ALA D 181 4.43 9.67 -30.84
N ASP D 182 3.42 10.07 -30.08
CA ASP D 182 3.12 9.45 -28.78
C ASP D 182 2.18 8.23 -28.84
N VAL D 183 1.82 7.82 -30.06
CA VAL D 183 1.06 6.58 -30.25
C VAL D 183 2.01 5.40 -30.10
N PRO D 184 1.64 4.39 -29.28
CA PRO D 184 2.46 3.17 -29.18
C PRO D 184 2.76 2.54 -30.54
N GLY D 185 4.01 2.16 -30.75
CA GLY D 185 4.46 1.60 -32.02
C GLY D 185 5.03 2.63 -32.98
N ILE D 186 4.95 3.92 -32.63
CA ILE D 186 5.54 4.98 -33.45
C ILE D 186 6.77 5.55 -32.75
N GLY D 187 7.94 5.10 -33.19
CA GLY D 187 9.21 5.59 -32.65
C GLY D 187 9.76 6.73 -33.49
N ASN D 188 11.06 6.99 -33.34
CA ASN D 188 11.70 8.13 -34.00
C ASN D 188 11.71 8.03 -35.52
N ILE D 189 11.98 6.85 -36.06
CA ILE D 189 12.08 6.66 -37.51
C ILE D 189 10.71 6.82 -38.20
N THR D 190 9.66 6.26 -37.61
CA THR D 190 8.32 6.42 -38.17
C THR D 190 7.82 7.87 -37.98
N ALA D 191 8.07 8.43 -36.80
CA ALA D 191 7.66 9.81 -36.48
C ALA D 191 8.15 10.83 -37.50
N GLU D 192 9.40 10.68 -37.94
CA GLU D 192 9.98 11.61 -38.93
C GLU D 192 9.47 11.32 -40.34
N LYS D 193 9.25 10.04 -40.65
CA LYS D 193 8.62 9.67 -41.92
C LYS D 193 7.21 10.25 -42.02
N LEU D 194 6.50 10.31 -40.90
CA LEU D 194 5.15 10.90 -40.87
C LEU D 194 5.17 12.44 -40.93
N LYS D 195 6.13 13.05 -40.25
CA LYS D 195 6.30 14.52 -40.28
C LYS D 195 6.62 15.03 -41.68
N LYS D 196 7.46 14.30 -42.40
CA LYS D 196 7.80 14.62 -43.80
C LYS D 196 6.56 14.61 -44.70
N LEU D 197 5.62 13.72 -44.40
CA LEU D 197 4.36 13.65 -45.16
C LEU D 197 3.32 14.65 -44.64
N GLY D 198 3.67 15.42 -43.62
CA GLY D 198 2.76 16.40 -43.03
C GLY D 198 1.79 15.83 -42.02
N ILE D 199 2.00 14.57 -41.62
CA ILE D 199 1.12 13.91 -40.67
C ILE D 199 1.63 14.10 -39.24
N ASN D 200 0.92 14.91 -38.46
CA ASN D 200 1.29 15.19 -37.07
C ASN D 200 0.31 14.61 -36.05
N LYS D 201 -0.89 14.26 -36.50
CA LYS D 201 -1.93 13.69 -35.64
C LYS D 201 -2.55 12.48 -36.32
N LEU D 202 -3.29 11.67 -35.56
CA LEU D 202 -3.96 10.49 -36.11
C LEU D 202 -4.97 10.87 -37.19
N VAL D 203 -5.69 11.97 -37.00
CA VAL D 203 -6.68 12.44 -37.97
C VAL D 203 -6.05 12.71 -39.35
N ASP D 204 -4.82 13.20 -39.35
CA ASP D 204 -4.12 13.56 -40.60
C ASP D 204 -3.93 12.37 -41.55
N THR D 205 -3.90 11.16 -40.99
CA THR D 205 -3.73 9.95 -41.80
C THR D 205 -4.93 9.66 -42.70
N LEU D 206 -6.10 10.19 -42.33
CA LEU D 206 -7.33 9.96 -43.09
C LEU D 206 -7.42 10.85 -44.34
N SER D 207 -6.76 12.01 -44.30
CA SER D 207 -6.74 12.92 -45.44
C SER D 207 -5.79 12.45 -46.55
N ILE D 208 -4.70 11.79 -46.16
CA ILE D 208 -3.66 11.37 -47.11
C ILE D 208 -4.07 10.10 -47.85
N GLU D 209 -3.52 9.93 -49.05
CA GLU D 209 -3.69 8.72 -49.85
C GLU D 209 -3.08 7.52 -49.13
N PHE D 210 -3.77 6.38 -49.17
CA PHE D 210 -3.34 5.18 -48.46
C PHE D 210 -2.07 4.57 -49.06
N ASP D 211 -1.95 4.62 -50.38
CA ASP D 211 -0.74 4.14 -51.06
C ASP D 211 0.48 5.00 -50.77
N LYS D 212 0.26 6.31 -50.55
CA LYS D 212 1.35 7.23 -50.19
C LYS D 212 1.85 6.93 -48.77
N LEU D 213 0.91 6.70 -47.86
CA LEU D 213 1.24 6.34 -46.47
C LEU D 213 1.89 4.95 -46.43
N LYS D 214 1.18 3.97 -46.99
CA LYS D 214 1.69 2.59 -47.09
C LYS D 214 3.09 2.54 -47.69
N GLY D 215 3.32 3.36 -48.71
CA GLY D 215 4.63 3.42 -49.37
C GLY D 215 5.75 3.91 -48.47
N MET D 216 5.44 4.84 -47.58
CA MET D 216 6.46 5.45 -46.71
C MET D 216 6.68 4.68 -45.41
N ILE D 217 5.60 4.32 -44.72
CA ILE D 217 5.71 3.66 -43.41
C ILE D 217 5.32 2.18 -43.40
N GLY D 218 4.95 1.63 -44.56
CA GLY D 218 4.61 0.21 -44.67
C GLY D 218 3.14 -0.08 -44.42
N GLU D 219 2.68 -1.22 -44.94
CA GLU D 219 1.27 -1.61 -44.90
C GLU D 219 0.70 -1.76 -43.48
N ALA D 220 1.44 -2.49 -42.64
CA ALA D 220 0.96 -2.81 -41.28
C ALA D 220 0.75 -1.55 -40.43
N LYS D 221 1.75 -0.68 -40.39
CA LYS D 221 1.64 0.57 -39.64
C LYS D 221 0.53 1.46 -40.19
N ALA D 222 0.42 1.51 -41.52
CA ALA D 222 -0.63 2.28 -42.18
C ALA D 222 -2.02 1.82 -41.73
N LYS D 223 -2.30 0.53 -41.88
CA LYS D 223 -3.57 -0.04 -41.45
C LYS D 223 -3.82 0.19 -39.96
N TYR D 224 -2.75 0.14 -39.16
CA TYR D 224 -2.82 0.32 -37.71
C TYR D 224 -3.22 1.75 -37.34
N LEU D 225 -2.49 2.73 -37.87
CA LEU D 225 -2.77 4.13 -37.57
C LEU D 225 -4.15 4.57 -38.08
N ILE D 226 -4.54 4.10 -39.27
CA ILE D 226 -5.85 4.45 -39.84
C ILE D 226 -7.00 3.88 -39.01
N SER D 227 -6.84 2.63 -38.55
CA SER D 227 -7.84 1.99 -37.71
C SER D 227 -8.05 2.75 -36.40
N LEU D 228 -6.96 3.24 -35.82
CA LEU D 228 -7.01 4.08 -34.62
C LEU D 228 -7.69 5.42 -34.89
N ALA D 229 -7.33 6.05 -36.01
CA ALA D 229 -7.88 7.35 -36.39
C ALA D 229 -9.39 7.29 -36.70
N ARG D 230 -9.83 6.20 -37.31
CA ARG D 230 -11.26 5.98 -37.57
C ARG D 230 -12.03 5.58 -36.30
N ASP D 231 -11.31 5.38 -35.20
CA ASP D 231 -11.91 4.99 -33.92
C ASP D 231 -12.54 3.59 -34.02
N GLU D 232 -11.86 2.70 -34.75
CA GLU D 232 -12.30 1.32 -34.96
C GLU D 232 -11.31 0.26 -34.48
N TYR D 233 -10.16 0.68 -33.96
CA TYR D 233 -9.17 -0.27 -33.43
C TYR D 233 -9.79 -1.07 -32.29
N ASN D 234 -9.81 -2.38 -32.43
CA ASN D 234 -10.50 -3.24 -31.47
C ASN D 234 -9.78 -4.59 -31.26
N GLU D 235 -8.46 -4.56 -31.24
CA GLU D 235 -7.67 -5.79 -31.04
C GLU D 235 -7.99 -6.45 -29.70
N PRO D 236 -8.35 -7.74 -29.72
CA PRO D 236 -8.75 -8.40 -28.49
C PRO D 236 -7.57 -8.61 -27.54
N ILE D 237 -7.87 -8.66 -26.24
CA ILE D 237 -6.90 -9.08 -25.25
C ILE D 237 -6.72 -10.57 -25.43
N ARG D 238 -5.48 -11.02 -25.56
CA ARG D 238 -5.22 -12.44 -25.74
C ARG D 238 -3.94 -12.89 -25.01
N THR D 239 -3.99 -14.12 -24.50
CA THR D 239 -2.92 -14.66 -23.70
C THR D 239 -1.65 -14.74 -24.53
N ARG D 240 -0.57 -14.17 -24.03
CA ARG D 240 0.68 -14.17 -24.77
C ARG D 240 1.39 -15.50 -24.58
N VAL D 241 1.90 -16.03 -25.69
CA VAL D 241 2.70 -17.24 -25.68
C VAL D 241 4.09 -16.84 -26.18
N ARG D 242 5.11 -17.17 -25.39
CA ARG D 242 6.49 -16.83 -25.74
C ARG D 242 6.82 -17.52 -27.06
N LYS D 243 7.34 -16.76 -28.01
CA LYS D 243 7.67 -17.28 -29.34
C LYS D 243 9.17 -17.54 -29.56
N SER D 244 10.02 -16.89 -28.76
CA SER D 244 11.45 -17.14 -28.77
C SER D 244 12.05 -17.04 -27.37
N ILE D 245 13.19 -17.69 -27.20
CA ILE D 245 13.95 -17.66 -25.96
C ILE D 245 15.41 -17.65 -26.32
N GLY D 246 16.17 -16.74 -25.72
CA GLY D 246 17.59 -16.64 -26.07
C GLY D 246 18.44 -16.02 -24.99
N ARG D 247 19.72 -15.90 -25.30
CA ARG D 247 20.68 -15.37 -24.36
C ARG D 247 21.85 -14.83 -25.15
N ILE D 248 22.28 -13.61 -24.81
CA ILE D 248 23.45 -13.01 -25.44
C ILE D 248 24.34 -12.37 -24.37
N VAL D 249 25.63 -12.65 -24.45
CA VAL D 249 26.59 -12.27 -23.42
C VAL D 249 27.70 -11.42 -24.04
N THR D 250 28.30 -10.56 -23.21
CA THR D 250 29.42 -9.71 -23.62
C THR D 250 30.73 -10.46 -23.37
N MET D 251 31.59 -10.48 -24.37
CA MET D 251 32.90 -11.13 -24.23
C MET D 251 33.86 -10.20 -23.49
N LYS D 252 34.89 -10.79 -22.88
CA LYS D 252 35.86 -10.02 -22.10
C LYS D 252 36.61 -9.04 -23.01
N ARG D 253 36.91 -9.46 -24.24
CA ARG D 253 37.37 -8.55 -25.28
C ARG D 253 36.85 -8.94 -26.66
N ASN D 254 36.86 -7.98 -27.59
CA ASN D 254 36.35 -8.21 -28.94
C ASN D 254 37.20 -9.25 -29.65
N SER D 255 36.58 -10.03 -30.53
CA SER D 255 37.30 -11.13 -31.18
C SER D 255 36.66 -11.62 -32.48
N ARG D 256 37.52 -12.18 -33.34
CA ARG D 256 37.10 -12.96 -34.50
C ARG D 256 37.66 -14.39 -34.43
N ASN D 257 38.10 -14.79 -33.24
CA ASN D 257 38.70 -16.11 -33.05
C ASN D 257 37.64 -17.11 -32.60
N LEU D 258 37.32 -18.06 -33.47
CA LEU D 258 36.31 -19.07 -33.21
C LEU D 258 36.48 -19.75 -31.84
N GLU D 259 37.71 -20.14 -31.52
CA GLU D 259 38.00 -20.83 -30.26
C GLU D 259 37.87 -19.93 -29.03
N GLU D 260 38.09 -18.63 -29.22
CA GLU D 260 37.88 -17.64 -28.16
C GLU D 260 36.39 -17.38 -27.93
N ILE D 261 35.62 -17.43 -29.01
CA ILE D 261 34.18 -17.10 -28.96
C ILE D 261 33.33 -18.28 -28.48
N LYS D 262 33.69 -19.50 -28.89
CA LYS D 262 32.90 -20.70 -28.60
C LYS D 262 32.43 -20.83 -27.14
N PRO D 263 33.34 -20.64 -26.16
CA PRO D 263 32.94 -20.79 -24.76
C PRO D 263 31.77 -19.88 -24.35
N TYR D 264 31.77 -18.64 -24.85
CA TYR D 264 30.67 -17.73 -24.61
C TYR D 264 29.39 -18.24 -25.26
N LEU D 265 29.49 -18.63 -26.52
CA LEU D 265 28.34 -19.13 -27.27
C LEU D 265 27.74 -20.36 -26.58
N PHE D 266 28.60 -21.27 -26.15
CA PHE D 266 28.14 -22.47 -25.46
C PHE D 266 27.46 -22.15 -24.13
N ARG D 267 27.98 -21.14 -23.42
CA ARG D 267 27.32 -20.62 -22.21
C ARG D 267 25.91 -20.12 -22.53
N ALA D 268 25.78 -19.38 -23.63
CA ALA D 268 24.48 -18.84 -24.04
C ALA D 268 23.49 -19.97 -24.36
N ILE D 269 23.99 -21.03 -24.98
CA ILE D 269 23.17 -22.20 -25.31
C ILE D 269 22.68 -22.91 -24.04
N GLU D 270 23.58 -23.12 -23.09
CA GLU D 270 23.21 -23.79 -21.82
C GLU D 270 22.13 -23.02 -21.08
N GLU D 271 22.33 -21.70 -20.96
CA GLU D 271 21.37 -20.84 -20.27
C GLU D 271 20.04 -20.77 -21.02
N SER D 272 20.11 -20.75 -22.35
CA SER D 272 18.91 -20.78 -23.20
C SER D 272 18.10 -22.07 -23.01
N TYR D 273 18.79 -23.21 -22.98
CA TYR D 273 18.11 -24.49 -22.83
C TYR D 273 17.50 -24.68 -21.46
N TYR D 274 18.08 -24.05 -20.45
CA TYR D 274 17.47 -23.99 -19.13
C TYR D 274 16.16 -23.21 -19.20
N LYS D 275 16.20 -22.02 -19.81
CA LYS D 275 15.01 -21.18 -20.00
C LYS D 275 13.91 -21.90 -20.79
N LEU D 276 14.29 -22.66 -21.81
CA LEU D 276 13.31 -23.37 -22.65
C LEU D 276 12.44 -24.36 -21.87
N ASP D 277 13.07 -25.14 -20.99
CA ASP D 277 12.37 -26.06 -20.07
C ASP D 277 11.09 -26.69 -20.65
N LYS D 278 11.24 -27.84 -21.27
CA LYS D 278 10.12 -28.60 -21.88
C LYS D 278 9.84 -28.13 -23.31
N ARG D 279 9.89 -26.83 -23.57
CA ARG D 279 9.70 -26.35 -24.93
C ARG D 279 10.84 -26.85 -25.81
N ILE D 280 10.50 -27.33 -27.01
CA ILE D 280 11.47 -27.87 -27.95
C ILE D 280 11.46 -27.03 -29.23
N PRO D 281 12.57 -26.34 -29.52
CA PRO D 281 12.60 -25.45 -30.69
C PRO D 281 12.98 -26.18 -31.96
N LYS D 282 12.47 -25.70 -33.09
CA LYS D 282 12.90 -26.22 -34.39
C LYS D 282 13.84 -25.23 -35.12
N ALA D 283 14.00 -24.03 -34.57
CA ALA D 283 14.88 -23.01 -35.16
C ALA D 283 15.89 -22.49 -34.16
N ILE D 284 17.10 -22.28 -34.65
CA ILE D 284 18.19 -21.69 -33.88
C ILE D 284 18.80 -20.56 -34.70
N HIS D 285 19.06 -19.44 -34.05
CA HIS D 285 19.80 -18.35 -34.67
C HIS D 285 20.96 -17.98 -33.78
N VAL D 286 22.15 -17.85 -34.36
CA VAL D 286 23.27 -17.26 -33.67
C VAL D 286 23.28 -15.78 -33.98
N VAL D 287 23.39 -14.97 -32.93
CA VAL D 287 23.31 -13.53 -33.03
C VAL D 287 24.63 -12.94 -32.54
N ALA D 288 25.25 -12.10 -33.38
CA ALA D 288 26.51 -11.45 -33.03
C ALA D 288 26.33 -9.94 -33.03
N VAL D 289 26.75 -9.29 -31.96
CA VAL D 289 26.83 -7.83 -31.93
C VAL D 289 28.29 -7.48 -32.22
N THR D 290 28.52 -6.75 -33.30
CA THR D 290 29.88 -6.46 -33.75
C THR D 290 30.49 -5.33 -32.92
N GLU D 291 31.78 -5.06 -33.16
CA GLU D 291 32.51 -4.01 -32.46
C GLU D 291 31.88 -2.62 -32.58
N ASP D 292 31.32 -2.31 -33.75
CA ASP D 292 30.60 -1.05 -33.99
C ASP D 292 29.12 -1.13 -33.58
N LEU D 293 28.76 -2.21 -32.87
CA LEU D 293 27.43 -2.41 -32.27
C LEU D 293 26.30 -2.71 -33.25
N ASP D 294 26.66 -3.09 -34.48
CA ASP D 294 25.68 -3.61 -35.43
C ASP D 294 25.31 -5.04 -35.01
N ILE D 295 24.11 -5.49 -35.35
CA ILE D 295 23.67 -6.83 -34.99
C ILE D 295 23.49 -7.65 -36.25
N VAL D 296 24.19 -8.79 -36.32
CA VAL D 296 24.09 -9.69 -37.45
C VAL D 296 23.71 -11.08 -36.93
N SER D 297 22.98 -11.84 -37.73
CA SER D 297 22.56 -13.18 -37.31
C SER D 297 22.56 -14.17 -38.46
N ARG D 298 22.73 -15.43 -38.11
CA ARG D 298 22.57 -16.52 -39.05
C ARG D 298 21.81 -17.63 -38.34
N GLY D 299 20.86 -18.23 -39.04
CA GLY D 299 20.03 -19.26 -38.44
C GLY D 299 19.67 -20.40 -39.35
N ARG D 300 18.97 -21.37 -38.78
CA ARG D 300 18.52 -22.53 -39.51
C ARG D 300 17.26 -23.07 -38.86
N THR D 301 16.27 -23.41 -39.68
CA THR D 301 15.07 -24.08 -39.22
C THR D 301 15.15 -25.54 -39.65
N PHE D 302 14.92 -26.44 -38.69
CA PHE D 302 14.96 -27.87 -38.94
C PHE D 302 13.56 -28.41 -39.10
N PRO D 303 13.42 -29.55 -39.80
CA PRO D 303 12.11 -30.20 -39.91
C PRO D 303 11.66 -30.83 -38.60
N HIS D 304 12.56 -30.97 -37.64
CA HIS D 304 12.25 -31.57 -36.34
C HIS D 304 12.84 -30.73 -35.19
N GLY D 305 12.56 -31.12 -33.97
CA GLY D 305 13.09 -30.42 -32.79
C GLY D 305 14.61 -30.50 -32.71
N ILE D 306 15.20 -29.49 -32.07
CA ILE D 306 16.65 -29.40 -31.90
C ILE D 306 17.07 -29.84 -30.51
N SER D 307 17.84 -30.93 -30.44
CA SER D 307 18.41 -31.39 -29.17
C SER D 307 19.55 -30.46 -28.79
N LYS D 308 19.89 -30.42 -27.51
CA LYS D 308 21.00 -29.57 -27.05
C LYS D 308 22.28 -29.88 -27.81
N GLU D 309 22.53 -31.15 -28.09
CA GLU D 309 23.73 -31.57 -28.81
C GLU D 309 23.72 -31.03 -30.25
N THR D 310 22.56 -31.09 -30.91
CA THR D 310 22.39 -30.48 -32.22
C THR D 310 22.63 -28.97 -32.17
N ALA D 311 22.13 -28.33 -31.12
CA ALA D 311 22.29 -26.87 -30.96
C ALA D 311 23.76 -26.48 -30.89
N TYR D 312 24.55 -27.23 -30.13
CA TYR D 312 26.01 -27.00 -30.06
C TYR D 312 26.63 -27.09 -31.46
N SER D 313 26.40 -28.19 -32.14
CA SER D 313 26.93 -28.46 -33.47
C SER D 313 26.53 -27.38 -34.46
N GLU D 314 25.24 -27.09 -34.52
CA GLU D 314 24.72 -26.14 -35.49
C GLU D 314 25.17 -24.71 -35.20
N SER D 315 25.22 -24.34 -33.92
CA SER D 315 25.63 -22.99 -33.55
C SER D 315 27.06 -22.69 -34.02
N VAL D 316 27.94 -23.68 -33.93
CA VAL D 316 29.32 -23.50 -34.39
C VAL D 316 29.32 -23.23 -35.91
N LYS D 317 28.51 -23.96 -36.66
CA LYS D 317 28.41 -23.75 -38.10
C LYS D 317 27.93 -22.35 -38.41
N LEU D 318 26.89 -21.92 -37.70
CA LEU D 318 26.31 -20.60 -37.92
C LEU D 318 27.28 -19.47 -37.56
N LEU D 319 28.02 -19.64 -36.46
CA LEU D 319 29.08 -18.69 -36.09
C LEU D 319 30.18 -18.65 -37.14
N GLN D 320 30.55 -19.80 -37.68
CA GLN D 320 31.56 -19.87 -38.75
C GLN D 320 31.12 -19.07 -39.97
N LYS D 321 29.84 -19.18 -40.32
CA LYS D 321 29.27 -18.47 -41.44
C LYS D 321 29.29 -16.96 -41.22
N ILE D 322 28.98 -16.52 -40.00
CA ILE D 322 29.09 -15.10 -39.65
C ILE D 322 30.52 -14.59 -39.86
N LEU D 323 31.48 -15.27 -39.25
CA LEU D 323 32.91 -14.93 -39.42
C LEU D 323 33.33 -14.87 -40.89
N GLU D 324 32.92 -15.87 -41.68
CA GLU D 324 33.20 -15.91 -43.11
C GLU D 324 32.63 -14.71 -43.85
N GLU D 325 31.38 -14.35 -43.54
CA GLU D 325 30.64 -13.39 -44.35
C GLU D 325 30.70 -11.94 -43.85
N ASP D 326 31.21 -11.74 -42.63
CA ASP D 326 31.35 -10.39 -42.06
C ASP D 326 32.73 -10.28 -41.39
N GLU D 327 33.52 -9.30 -41.81
CA GLU D 327 34.93 -9.22 -41.37
C GLU D 327 35.14 -8.37 -40.11
N ARG D 328 34.07 -7.87 -39.50
CA ARG D 328 34.21 -7.11 -38.25
C ARG D 328 34.43 -8.03 -37.06
N LYS D 329 34.98 -7.49 -35.98
CA LYS D 329 35.17 -8.23 -34.72
C LYS D 329 33.84 -8.33 -33.99
N ILE D 330 33.68 -9.36 -33.16
CA ILE D 330 32.46 -9.57 -32.39
C ILE D 330 32.67 -9.11 -30.95
N ARG D 331 31.68 -8.38 -30.43
CA ARG D 331 31.70 -7.86 -29.07
C ARG D 331 30.79 -8.69 -28.16
N ARG D 332 29.56 -8.94 -28.61
CA ARG D 332 28.62 -9.78 -27.89
C ARG D 332 28.21 -10.95 -28.77
N ILE D 333 27.93 -12.08 -28.14
CA ILE D 333 27.59 -13.31 -28.86
C ILE D 333 26.50 -14.08 -28.12
N GLY D 334 25.60 -14.66 -28.87
CA GLY D 334 24.50 -15.40 -28.27
C GLY D 334 23.68 -16.18 -29.25
N VAL D 335 22.52 -16.60 -28.77
CA VAL D 335 21.68 -17.52 -29.49
C VAL D 335 20.22 -17.18 -29.20
N ARG D 336 19.35 -17.50 -30.14
CA ARG D 336 17.91 -17.39 -29.96
C ARG D 336 17.27 -18.66 -30.51
N PHE D 337 16.37 -19.24 -29.72
CA PHE D 337 15.59 -20.41 -30.15
C PHE D 337 14.15 -20.03 -30.41
N SER D 338 13.56 -20.62 -31.44
CA SER D 338 12.20 -20.28 -31.84
C SER D 338 11.52 -21.47 -32.52
N LYS D 339 10.31 -21.24 -33.03
CA LYS D 339 9.46 -22.24 -33.67
C LYS D 339 9.29 -23.47 -32.79
N PHE D 340 8.69 -23.28 -31.62
CA PHE D 340 8.54 -24.35 -30.64
C PHE D 340 7.51 -25.37 -31.08
N ILE D 341 7.75 -26.64 -30.74
CA ILE D 341 6.81 -27.72 -31.06
C ILE D 341 5.56 -27.57 -30.21
P 2DT E 13 7.23 0.86 -23.48
OP1 2DT E 13 5.98 0.70 -22.70
OP2 2DT E 13 7.84 2.19 -23.62
O5' 2DT E 13 8.28 -0.17 -22.86
N1 2DT E 13 12.06 -0.98 -23.18
C6 2DT E 13 11.56 0.31 -22.97
C2 2DT E 13 13.13 -1.20 -24.03
O2 2DT E 13 13.58 -2.31 -24.22
N3 2DT E 13 13.64 -0.07 -24.62
C4 2DT E 13 13.20 1.23 -24.47
O4 2DT E 13 13.72 2.18 -25.06
C5 2DT E 13 12.07 1.41 -23.57
C5M 2DT E 13 11.49 2.77 -23.31
C2' 2DT E 13 11.09 -1.89 -21.04
C5' 2DT E 13 8.05 -1.60 -23.03
C4' 2DT E 13 9.11 -2.44 -22.34
O4' 2DT E 13 10.29 -2.59 -23.18
C1' 2DT E 13 11.45 -2.17 -22.49
C3' 2DT E 13 9.58 -1.85 -21.02
P MG1 F 7 25.14 -8.13 -21.36
OP1 MG1 F 7 25.54 -8.88 -20.14
OP2 MG1 F 7 25.86 -8.30 -22.67
O5' MG1 F 7 23.60 -8.46 -21.64
C5' MG1 F 7 22.74 -8.65 -20.54
C4' MG1 F 7 21.30 -8.50 -20.99
O4' MG1 F 7 21.09 -7.23 -21.59
C3' MG1 F 7 20.90 -9.53 -22.05
O3' MG1 F 7 20.13 -10.51 -21.39
C2' MG1 F 7 20.09 -8.73 -23.08
C1' MG1 F 7 19.97 -7.36 -22.45
N9 MG1 F 7 19.96 -6.25 -23.42
C8 MG1 F 7 20.89 -5.93 -24.32
N7 MG1 F 7 20.48 -4.85 -25.00
C5 MG1 F 7 19.27 -4.49 -24.52
C6 MG1 F 7 18.38 -3.48 -24.82
O6 MG1 F 7 18.65 -2.66 -25.73
N1 MG1 F 7 17.22 -3.40 -24.14
CM1 MG1 F 7 16.30 -2.31 -24.51
C2 MG1 F 7 16.92 -4.28 -23.18
N2 MG1 F 7 15.76 -4.21 -22.49
N3 MG1 F 7 17.78 -5.29 -22.86
C4 MG1 F 7 18.96 -5.39 -23.52
PG DGT G . -8.01 -3.47 15.44
O1G DGT G . -8.87 -2.26 15.58
O2G DGT G . -7.91 -4.30 14.19
O3G DGT G . -9.09 -4.35 15.97
O3B DGT G . -7.03 -3.85 16.67
PB DGT G . -6.31 -2.57 17.32
O1B DGT G . -5.93 -1.47 16.36
O2B DGT G . -5.06 -3.12 18.01
O3A DGT G . -7.28 -2.10 18.50
PA DGT G . -7.87 -0.63 18.73
O1A DGT G . -8.96 -0.82 19.75
O2A DGT G . -8.33 0.14 17.51
O5' DGT G . -6.77 0.20 19.56
C5' DGT G . -5.66 0.83 18.91
C4' DGT G . -4.40 0.61 19.73
O4' DGT G . -4.60 1.14 21.05
C3' DGT G . -4.00 -0.84 19.89
O3' DGT G . -3.29 -1.34 18.75
C2' DGT G . -3.20 -0.74 21.18
C1' DGT G . -3.92 0.33 22.01
N9 DGT G . -4.81 -0.39 22.92
C8 DGT G . -6.06 -0.91 22.68
N7 DGT G . -6.57 -1.56 23.71
C5 DGT G . -5.59 -1.46 24.68
C6 DGT G . -5.53 -1.95 26.01
O6 DGT G . -6.40 -2.60 26.60
N1 DGT G . -4.34 -1.61 26.65
C2 DGT G . -3.28 -0.91 26.10
N2 DGT G . -2.19 -0.66 26.84
N3 DGT G . -3.35 -0.44 24.85
C4 DGT G . -4.51 -0.75 24.21
CA CA H . -9.32 2.25 17.33
CA CA I . -7.58 -0.21 15.31
CA CA J . -21.60 -3.22 22.84
PG DGT K . 8.33 3.31 -15.15
O1G DGT K . 7.39 2.67 -16.16
O2G DGT K . 7.83 4.36 -14.22
O3G DGT K . 8.60 4.44 -16.10
O3B DGT K . 9.89 2.94 -15.19
PB DGT K . 10.13 1.36 -15.39
O1B DGT K . 9.03 0.50 -14.81
O2B DGT K . 11.47 1.03 -14.78
O3A DGT K . 10.25 1.22 -16.99
PA DGT K . 9.42 0.11 -17.84
O1A DGT K . 9.61 0.54 -19.27
O2A DGT K . 7.96 -0.04 -17.53
O5' DGT K . 10.21 -1.27 -17.75
C5' DGT K . 9.94 -2.22 -16.75
C4' DGT K . 11.26 -2.84 -16.34
O4' DGT K . 11.89 -3.43 -17.49
C3' DGT K . 12.25 -1.84 -15.77
O3' DGT K . 12.04 -1.54 -14.38
C2' DGT K . 13.54 -2.57 -16.05
C1' DGT K . 13.30 -3.31 -17.36
N9 DGT K . 13.91 -2.48 -18.42
C8 DGT K . 13.38 -1.36 -19.03
N7 DGT K . 14.18 -0.82 -19.92
C5 DGT K . 15.31 -1.62 -19.86
C6 DGT K . 16.52 -1.55 -20.59
O6 DGT K . 16.85 -0.70 -21.44
N1 DGT K . 17.40 -2.57 -20.23
C2 DGT K . 17.18 -3.56 -19.29
N2 DGT K . 18.14 -4.48 -19.07
N3 DGT K . 16.02 -3.62 -18.63
C4 DGT K . 15.15 -2.65 -18.95
CA CA L . 6.33 -1.29 -18.62
CA CA M . 6.82 0.42 -15.48
CA CA N . 7.05 7.58 -29.88
#